data_2QQD
#
_entry.id   2QQD
#
_cell.length_a   57.720
_cell.length_b   92.249
_cell.length_c   86.093
_cell.angle_alpha   90.00
_cell.angle_beta   94.89
_cell.angle_gamma   90.00
#
_symmetry.space_group_name_H-M   'P 1 21 1'
#
loop_
_entity.id
_entity.type
_entity.pdbx_description
1 polymer 'Pyruvoyl-dependent arginine decarboxylase (EC 4.1.1.19) (PvlArgDC)'
2 polymer 'Pyruvoyl-dependent arginine decarboxylase (EC 4.1.1.19) (PvlArgDC)'
3 polymer 'Pyruvoyl-dependent arginine decarboxylase (EC 4.1.1.19) (PvlArgDC)'
4 non-polymer AGMATINE
5 non-polymer 'PYRUVIC ACID'
6 non-polymer (4S)-2-METHYL-2,4-PENTANEDIOL
7 water water
#
loop_
_entity_poly.entity_id
_entity_poly.type
_entity_poly.pdbx_seq_one_letter_code
_entity_poly.pdbx_strand_id
1 'polypeptide(L)' HMNAEINPLHAYFKLPNTVSLVAGSSEGETPLNAFDGALLNAGIGNVALIRIS A,D
2 'polypeptide(L)'
;IMPPEAEIVPLPKLPMGALVPTAYGYIISDVPGETISAAISVAIPKDKSLCGLIMEYEGKCSKKEAEKTVREMAKIGFEM
RGWELDRIESIAVEHTVEKLGCAFAAAALWYK
;
B,E
3 'polypeptide(L)'
;HMNAEINPLHAYFKLPNTVSLVAGSSEGETPLNAFDGALLNAGIGNVALIRISSIMPPEAEIVPLPKLPMGALVPTAYGY
IISDVPGETISAAISVAIPKDKSLCGLIMEYEGKCSKKEAEKTVREMAKIGFEMRGWELDRIESIAVEHTVEKLGCAFAA
AALWYK
;
C,F,G,H
#
# COMPACT_ATOMS: atom_id res chain seq x y z
N LEU A 9 13.94 -10.14 -25.69
CA LEU A 9 14.63 -9.92 -26.99
C LEU A 9 14.06 -8.70 -27.71
N HIS A 10 12.81 -8.38 -27.42
CA HIS A 10 12.17 -7.22 -28.04
C HIS A 10 11.47 -6.40 -26.96
N ALA A 11 12.04 -5.23 -26.66
CA ALA A 11 11.48 -4.36 -25.63
C ALA A 11 10.01 -4.09 -25.90
N TYR A 12 9.18 -4.28 -24.88
CA TYR A 12 7.75 -4.06 -24.99
C TYR A 12 7.37 -2.84 -24.15
N PHE A 13 6.62 -1.93 -24.76
CA PHE A 13 6.20 -0.72 -24.07
C PHE A 13 5.26 -1.09 -22.93
N LYS A 14 5.42 -0.40 -21.81
CA LYS A 14 4.59 -0.64 -20.64
C LYS A 14 4.55 0.58 -19.75
N LEU A 15 3.47 0.68 -18.98
CA LEU A 15 3.30 1.76 -18.03
C LEU A 15 3.96 1.28 -16.74
N PRO A 16 4.26 2.20 -15.81
CA PRO A 16 4.88 1.76 -14.56
C PRO A 16 3.95 0.75 -13.88
N ASN A 17 4.51 -0.26 -13.23
CA ASN A 17 3.71 -1.27 -12.56
C ASN A 17 4.04 -1.39 -11.07
N THR A 18 4.89 -0.50 -10.57
CA THR A 18 5.20 -0.50 -9.15
C THR A 18 5.15 0.94 -8.64
N VAL A 19 4.78 1.09 -7.38
CA VAL A 19 4.72 2.41 -6.74
C VAL A 19 5.29 2.25 -5.35
N SER A 20 6.25 3.11 -4.98
CA SER A 20 6.84 3.04 -3.65
C SER A 20 6.67 4.36 -2.90
N LEU A 21 6.33 4.28 -1.62
CA LEU A 21 6.17 5.47 -0.81
C LEU A 21 7.39 5.67 0.04
N VAL A 22 8.00 6.85 -0.11
CA VAL A 22 9.19 7.17 0.66
C VAL A 22 9.05 8.57 1.23
N ALA A 23 9.78 8.84 2.29
CA ALA A 23 9.74 10.15 2.93
C ALA A 23 11.05 10.38 3.69
N GLY A 24 11.44 11.64 3.80
CA GLY A 24 12.67 11.97 4.51
C GLY A 24 12.74 13.44 4.80
N SER A 25 13.67 13.84 5.65
CA SER A 25 13.86 15.24 5.99
C SER A 25 15.34 15.45 6.24
N SER A 26 15.75 16.71 6.26
CA SER A 26 17.15 17.04 6.47
C SER A 26 17.39 18.53 6.54
N GLU A 27 18.48 18.90 7.21
CA GLU A 27 18.89 20.29 7.29
C GLU A 27 19.77 20.47 6.06
N GLY A 28 20.13 21.72 5.76
CA GLY A 28 20.98 22.01 4.63
C GLY A 28 21.43 23.45 4.62
N GLU A 29 22.62 23.69 4.04
CA GLU A 29 23.20 25.03 3.95
C GLU A 29 22.35 25.94 3.08
N THR A 30 21.69 25.35 2.08
CA THR A 30 20.83 26.08 1.16
C THR A 30 19.53 25.29 0.99
N PRO A 31 18.49 25.91 0.42
CA PRO A 31 17.26 25.16 0.24
C PRO A 31 17.46 23.90 -0.60
N LEU A 32 18.22 24.00 -1.70
CA LEU A 32 18.44 22.84 -2.55
C LEU A 32 19.27 21.75 -1.87
N ASN A 33 20.23 22.12 -1.04
CA ASN A 33 21.04 21.12 -0.34
C ASN A 33 20.19 20.39 0.68
N ALA A 34 19.23 21.10 1.28
CA ALA A 34 18.33 20.50 2.27
C ALA A 34 17.39 19.54 1.56
N PHE A 35 16.89 19.94 0.39
CA PHE A 35 16.01 19.12 -0.43
C PHE A 35 16.79 17.84 -0.78
N ASP A 36 18.03 18.01 -1.23
CA ASP A 36 18.88 16.88 -1.61
C ASP A 36 19.07 15.95 -0.41
N GLY A 37 19.33 16.54 0.74
CA GLY A 37 19.51 15.74 1.95
C GLY A 37 18.26 14.98 2.30
N ALA A 38 17.10 15.56 2.01
CA ALA A 38 15.83 14.90 2.31
C ALA A 38 15.62 13.69 1.40
N LEU A 39 15.88 13.85 0.10
CA LEU A 39 15.72 12.73 -0.83
C LEU A 39 16.68 11.61 -0.42
N LEU A 40 17.91 11.98 -0.03
CA LEU A 40 18.89 10.99 0.39
C LEU A 40 18.38 10.24 1.62
N ASN A 41 17.83 10.99 2.57
CA ASN A 41 17.28 10.41 3.79
C ASN A 41 16.07 9.54 3.45
N ALA A 42 15.35 9.91 2.40
CA ALA A 42 14.18 9.15 1.99
C ALA A 42 14.60 7.89 1.23
N GLY A 43 15.86 7.85 0.81
CA GLY A 43 16.34 6.70 0.08
C GLY A 43 16.32 6.80 -1.44
N ILE A 44 16.00 7.98 -1.97
CA ILE A 44 15.98 8.17 -3.41
C ILE A 44 16.89 9.34 -3.79
N GLY A 45 18.02 9.44 -3.10
CA GLY A 45 18.95 10.52 -3.35
C GLY A 45 19.85 10.35 -4.56
N ASN A 46 19.91 9.16 -5.13
CA ASN A 46 20.79 8.95 -6.27
C ASN A 46 20.12 8.52 -7.58
N VAL A 47 18.94 9.10 -7.82
CA VAL A 47 18.19 8.90 -9.04
C VAL A 47 17.71 10.31 -9.38
N ALA A 48 17.32 10.52 -10.62
CA ALA A 48 16.81 11.83 -11.02
C ALA A 48 15.31 11.69 -11.03
N LEU A 49 14.63 12.58 -10.31
CA LEU A 49 13.19 12.53 -10.26
C LEU A 49 12.59 13.36 -11.38
N ILE A 50 11.57 12.81 -12.04
CA ILE A 50 10.85 13.54 -13.07
C ILE A 50 9.53 13.69 -12.36
N ARG A 51 9.26 14.91 -11.88
CA ARG A 51 8.04 15.15 -11.15
C ARG A 51 6.81 14.98 -12.01
N ILE A 52 5.85 14.19 -11.55
CA ILE A 52 4.62 13.99 -12.29
C ILE A 52 3.51 14.75 -11.56
N SER A 53 2.51 15.19 -12.31
CA SER A 53 1.43 15.96 -11.74
C SER A 53 0.02 15.60 -12.22
N ILE B 1 -1.09 9.98 -10.71
CA ILE B 1 -1.91 8.82 -11.03
C ILE B 1 -1.09 7.54 -11.04
N MET B 2 -1.63 6.49 -10.42
CA MET B 2 -1.00 5.17 -10.36
C MET B 2 -1.67 4.32 -11.44
N PRO B 3 -0.89 3.74 -12.37
CA PRO B 3 -1.48 2.91 -13.42
C PRO B 3 -2.30 1.77 -12.85
N PRO B 4 -3.38 1.37 -13.54
CA PRO B 4 -4.21 0.26 -13.03
C PRO B 4 -3.30 -0.95 -12.87
N GLU B 5 -3.67 -1.88 -11.99
CA GLU B 5 -2.90 -3.10 -11.74
C GLU B 5 -1.47 -2.89 -11.23
N ALA B 6 -1.09 -1.65 -10.91
CA ALA B 6 0.25 -1.39 -10.39
C ALA B 6 0.27 -1.91 -8.95
N GLU B 7 1.45 -2.20 -8.42
CA GLU B 7 1.53 -2.72 -7.05
C GLU B 7 2.38 -1.87 -6.11
N ILE B 8 1.88 -1.68 -4.90
CA ILE B 8 2.60 -0.91 -3.90
C ILE B 8 3.64 -1.84 -3.32
N VAL B 9 4.91 -1.52 -3.54
CA VAL B 9 6.00 -2.33 -3.04
C VAL B 9 7.05 -1.46 -2.38
N PRO B 10 7.98 -2.07 -1.63
CA PRO B 10 9.01 -1.25 -0.99
C PRO B 10 9.95 -0.77 -2.10
N LEU B 11 10.54 0.40 -1.92
CA LEU B 11 11.44 0.97 -2.92
C LEU B 11 12.44 -0.06 -3.47
N PRO B 12 12.41 -0.34 -4.77
CA PRO B 12 13.37 -1.32 -5.26
C PRO B 12 14.77 -0.73 -5.41
N LYS B 13 15.73 -1.57 -5.75
CA LYS B 13 17.10 -1.11 -5.96
C LYS B 13 17.06 -0.44 -7.33
N LEU B 14 17.07 0.88 -7.33
CA LEU B 14 17.01 1.63 -8.57
C LEU B 14 18.38 1.83 -9.19
N PRO B 15 18.44 1.79 -10.53
CA PRO B 15 19.72 1.98 -11.21
C PRO B 15 20.22 3.39 -10.87
N MET B 16 21.51 3.52 -10.61
CA MET B 16 22.09 4.82 -10.29
C MET B 16 21.83 5.77 -11.46
N GLY B 17 21.24 6.93 -11.18
CA GLY B 17 20.97 7.90 -12.22
C GLY B 17 19.72 7.68 -13.06
N ALA B 18 18.89 6.71 -12.68
CA ALA B 18 17.67 6.46 -13.45
C ALA B 18 16.75 7.67 -13.39
N LEU B 19 15.96 7.86 -14.45
CA LEU B 19 15.01 8.97 -14.53
C LEU B 19 13.69 8.37 -14.02
N VAL B 20 13.38 8.66 -12.76
CA VAL B 20 12.18 8.09 -12.12
C VAL B 20 10.95 8.99 -12.03
N PRO B 21 9.85 8.60 -12.70
CA PRO B 21 8.62 9.41 -12.67
C PRO B 21 8.19 9.34 -11.20
N THR B 22 8.04 10.48 -10.56
CA THR B 22 7.72 10.51 -9.15
C THR B 22 6.76 11.63 -8.78
N ALA B 23 5.80 11.31 -7.92
CA ALA B 23 4.85 12.31 -7.44
C ALA B 23 5.38 12.64 -6.06
N TYR B 24 5.60 13.91 -5.79
CA TYR B 24 6.09 14.26 -4.47
C TYR B 24 5.64 15.62 -4.00
N GLY B 25 5.88 15.87 -2.72
CA GLY B 25 5.55 17.15 -2.13
C GLY B 25 6.68 17.45 -1.16
N TYR B 26 7.02 18.73 -1.02
CA TYR B 26 8.07 19.09 -0.10
C TYR B 26 7.84 20.50 0.42
N ILE B 27 8.45 20.80 1.55
CA ILE B 27 8.34 22.11 2.17
C ILE B 27 9.69 22.41 2.78
N ILE B 28 10.14 23.64 2.57
CA ILE B 28 11.42 24.09 3.11
C ILE B 28 11.14 25.26 4.04
N SER B 29 11.79 25.27 5.20
CA SER B 29 11.63 26.36 6.16
C SER B 29 12.96 26.68 6.84
N ASP B 30 13.18 27.96 7.10
CA ASP B 30 14.41 28.40 7.77
C ASP B 30 14.07 28.98 9.14
N VAL B 31 12.82 28.81 9.58
CA VAL B 31 12.38 29.32 10.86
C VAL B 31 12.78 28.33 11.96
N PRO B 32 13.79 28.70 12.77
CA PRO B 32 14.28 27.85 13.86
C PRO B 32 13.16 27.33 14.73
N GLY B 33 13.22 26.04 15.06
CA GLY B 33 12.21 25.44 15.91
C GLY B 33 10.87 25.12 15.26
N GLU B 34 10.63 25.60 14.06
CA GLU B 34 9.36 25.30 13.41
C GLU B 34 9.29 23.86 12.94
N THR B 35 8.11 23.26 13.08
CA THR B 35 7.89 21.89 12.65
C THR B 35 7.20 21.92 11.30
N ILE B 36 7.80 21.27 10.31
CA ILE B 36 7.23 21.21 8.96
C ILE B 36 7.03 19.76 8.57
N SER B 37 5.97 19.47 7.83
CA SER B 37 5.69 18.11 7.43
C SER B 37 5.32 17.94 5.96
N ALA B 38 5.54 16.74 5.46
CA ALA B 38 5.20 16.38 4.09
C ALA B 38 4.54 14.99 4.14
N ALA B 39 3.55 14.77 3.27
CA ALA B 39 2.85 13.50 3.26
C ALA B 39 2.37 13.14 1.86
N ILE B 40 2.26 11.84 1.61
CA ILE B 40 1.81 11.31 0.33
C ILE B 40 0.79 10.21 0.58
N SER B 41 -0.23 10.15 -0.27
CA SER B 41 -1.27 9.14 -0.14
C SER B 41 -1.57 8.52 -1.51
N VAL B 42 -1.99 7.27 -1.50
CA VAL B 42 -2.35 6.55 -2.73
C VAL B 42 -3.71 5.89 -2.54
N ALA B 43 -4.74 6.43 -3.20
CA ALA B 43 -6.08 5.87 -3.11
C ALA B 43 -6.19 4.73 -4.12
N ILE B 44 -6.45 3.52 -3.61
CA ILE B 44 -6.56 2.33 -4.44
C ILE B 44 -8.02 1.97 -4.67
N PRO B 45 -8.40 1.74 -5.93
CA PRO B 45 -9.79 1.39 -6.27
C PRO B 45 -10.15 -0.07 -6.06
N LYS B 46 -11.43 -0.31 -5.80
CA LYS B 46 -11.92 -1.67 -5.63
C LYS B 46 -12.01 -2.27 -7.04
N ASP B 47 -12.36 -1.42 -8.01
CA ASP B 47 -12.41 -1.86 -9.40
C ASP B 47 -10.96 -1.77 -9.91
N LYS B 48 -10.31 -2.93 -10.04
CA LYS B 48 -8.92 -2.95 -10.47
C LYS B 48 -8.63 -2.48 -11.88
N SER B 49 -9.65 -2.21 -12.67
CA SER B 49 -9.40 -1.72 -14.03
C SER B 49 -9.27 -0.19 -14.01
N LEU B 50 -9.54 0.40 -12.85
CA LEU B 50 -9.43 1.86 -12.69
C LEU B 50 -8.05 2.15 -12.13
N CYS B 51 -7.58 3.38 -12.30
CA CYS B 51 -6.24 3.72 -11.82
C CYS B 51 -6.27 4.10 -10.35
N GLY B 52 -5.10 4.40 -9.80
CA GLY B 52 -5.00 4.81 -8.42
C GLY B 52 -4.69 6.30 -8.40
N LEU B 53 -5.14 7.01 -7.37
CA LEU B 53 -4.89 8.44 -7.27
C LEU B 53 -3.83 8.75 -6.23
N ILE B 54 -2.82 9.53 -6.62
CA ILE B 54 -1.75 9.92 -5.71
C ILE B 54 -1.95 11.37 -5.31
N MET B 55 -1.96 11.64 -4.02
CA MET B 55 -2.13 13.00 -3.52
C MET B 55 -0.96 13.34 -2.61
N GLU B 56 -0.51 14.58 -2.65
CA GLU B 56 0.57 15.02 -1.80
C GLU B 56 0.15 16.26 -1.03
N TYR B 57 0.78 16.46 0.12
CA TYR B 57 0.48 17.61 0.95
C TYR B 57 1.72 17.99 1.73
N GLU B 58 1.89 19.27 1.97
CA GLU B 58 3.03 19.76 2.72
C GLU B 58 2.57 20.97 3.52
N GLY B 59 3.16 21.20 4.68
CA GLY B 59 2.75 22.34 5.48
C GLY B 59 3.49 22.48 6.79
N LYS B 60 3.18 23.57 7.48
CA LYS B 60 3.76 23.87 8.78
C LYS B 60 2.87 23.23 9.83
N CYS B 61 2.99 21.90 9.97
CA CYS B 61 2.16 21.17 10.91
C CYS B 61 2.84 19.85 11.29
N SER B 62 2.20 19.10 12.18
CA SER B 62 2.74 17.80 12.61
C SER B 62 2.54 16.78 11.50
N LYS B 63 3.27 15.68 11.56
CA LYS B 63 3.12 14.67 10.52
C LYS B 63 1.76 14.01 10.65
N LYS B 64 1.22 14.03 11.86
CA LYS B 64 -0.09 13.42 12.10
C LYS B 64 -1.15 14.20 11.31
N GLU B 65 -1.10 15.53 11.40
CA GLU B 65 -2.06 16.38 10.71
C GLU B 65 -1.87 16.37 9.19
N ALA B 66 -0.62 16.25 8.75
CA ALA B 66 -0.33 16.22 7.33
C ALA B 66 -0.85 14.92 6.70
N GLU B 67 -0.63 13.79 7.37
CA GLU B 67 -1.11 12.51 6.83
C GLU B 67 -2.63 12.48 6.82
N LYS B 68 -3.25 13.01 7.87
CA LYS B 68 -4.71 13.05 7.96
C LYS B 68 -5.25 13.86 6.76
N THR B 69 -4.63 15.00 6.51
CA THR B 69 -5.03 15.87 5.41
C THR B 69 -4.87 15.23 4.03
N VAL B 70 -3.71 14.65 3.77
CA VAL B 70 -3.47 14.04 2.48
C VAL B 70 -4.35 12.82 2.23
N ARG B 71 -4.73 12.11 3.29
CA ARG B 71 -5.61 10.95 3.12
C ARG B 71 -7.00 11.44 2.76
N GLU B 72 -7.43 12.56 3.35
CA GLU B 72 -8.74 13.10 3.03
C GLU B 72 -8.76 13.60 1.59
N MET B 73 -7.66 14.22 1.16
CA MET B 73 -7.59 14.73 -0.22
C MET B 73 -7.75 13.58 -1.22
N ALA B 74 -7.18 12.43 -0.89
CA ALA B 74 -7.27 11.27 -1.76
C ALA B 74 -8.71 10.75 -1.76
N LYS B 75 -9.34 10.76 -0.59
CA LYS B 75 -10.71 10.30 -0.47
C LYS B 75 -11.59 11.17 -1.40
N ILE B 76 -11.41 12.47 -1.28
CA ILE B 76 -12.15 13.43 -2.08
C ILE B 76 -11.95 13.19 -3.58
N GLY B 77 -10.73 12.85 -3.97
CA GLY B 77 -10.46 12.58 -5.37
C GLY B 77 -11.28 11.42 -5.90
N PHE B 78 -11.48 10.39 -5.07
CA PHE B 78 -12.25 9.25 -5.51
C PHE B 78 -13.73 9.57 -5.55
N GLU B 79 -14.20 10.37 -4.59
CA GLU B 79 -15.60 10.76 -4.56
C GLU B 79 -15.90 11.59 -5.81
N MET B 80 -14.98 12.46 -6.20
CA MET B 80 -15.17 13.29 -7.38
C MET B 80 -15.33 12.43 -8.63
N ARG B 81 -14.59 11.32 -8.66
CA ARG B 81 -14.64 10.38 -9.78
C ARG B 81 -15.81 9.42 -9.61
N GLY B 82 -16.32 9.33 -8.38
CA GLY B 82 -17.41 8.44 -8.08
C GLY B 82 -16.93 7.00 -8.07
N TRP B 83 -15.68 6.78 -7.67
CA TRP B 83 -15.11 5.44 -7.63
C TRP B 83 -15.08 4.82 -6.23
N GLU B 84 -15.37 3.52 -6.16
CA GLU B 84 -15.37 2.79 -4.89
C GLU B 84 -13.93 2.68 -4.40
N LEU B 85 -13.70 3.11 -3.17
CA LEU B 85 -12.37 3.10 -2.57
C LEU B 85 -12.07 1.80 -1.83
N ASP B 86 -10.94 1.19 -2.15
CA ASP B 86 -10.50 -0.05 -1.51
C ASP B 86 -9.79 0.36 -0.21
N ARG B 87 -8.80 1.23 -0.35
CA ARG B 87 -8.06 1.70 0.79
C ARG B 87 -7.09 2.79 0.36
N ILE B 88 -6.40 3.38 1.32
CA ILE B 88 -5.43 4.42 1.04
C ILE B 88 -4.13 4.12 1.78
N GLU B 89 -3.04 4.09 1.00
CA GLU B 89 -1.72 3.86 1.53
C GLU B 89 -1.15 5.26 1.70
N SER B 90 -0.61 5.56 2.86
CA SER B 90 -0.05 6.89 3.07
C SER B 90 1.22 6.86 3.90
N ILE B 91 2.01 7.92 3.74
CA ILE B 91 3.24 8.05 4.48
C ILE B 91 3.45 9.52 4.76
N ALA B 92 4.10 9.84 5.86
CA ALA B 92 4.34 11.23 6.19
C ALA B 92 5.58 11.35 7.05
N VAL B 93 6.20 12.52 7.03
CA VAL B 93 7.39 12.79 7.82
C VAL B 93 7.31 14.22 8.33
N GLU B 94 7.90 14.48 9.49
CA GLU B 94 7.92 15.82 10.05
C GLU B 94 9.36 16.17 10.36
N HIS B 95 9.66 17.46 10.35
CA HIS B 95 11.00 17.94 10.62
C HIS B 95 10.92 19.22 11.44
N THR B 96 11.73 19.31 12.47
CA THR B 96 11.77 20.52 13.28
C THR B 96 13.06 21.20 12.86
N VAL B 97 12.92 22.35 12.21
CA VAL B 97 14.06 23.09 11.72
C VAL B 97 15.04 23.50 12.81
N GLU B 98 16.33 23.40 12.50
CA GLU B 98 17.37 23.81 13.42
C GLU B 98 17.78 25.17 12.88
N LYS B 99 18.11 25.20 11.60
CA LYS B 99 18.50 26.44 10.93
C LYS B 99 17.77 26.57 9.58
N LEU B 100 17.75 25.48 8.81
CA LEU B 100 17.09 25.46 7.52
C LEU B 100 16.89 24.00 7.16
N GLY B 101 15.63 23.55 7.11
CA GLY B 101 15.37 22.16 6.81
C GLY B 101 14.27 21.91 5.80
N CYS B 102 14.20 20.66 5.33
CA CYS B 102 13.20 20.27 4.35
C CYS B 102 12.53 18.95 4.69
N ALA B 103 11.22 18.87 4.55
CA ALA B 103 10.48 17.63 4.79
C ALA B 103 10.05 17.21 3.39
N PHE B 104 10.20 15.93 3.07
CA PHE B 104 9.87 15.45 1.72
C PHE B 104 9.16 14.10 1.75
N ALA B 105 8.13 13.95 0.92
CA ALA B 105 7.36 12.71 0.83
C ALA B 105 7.08 12.45 -0.64
N ALA B 106 7.23 11.20 -1.07
CA ALA B 106 7.03 10.88 -2.49
C ALA B 106 6.45 9.51 -2.77
N ALA B 107 6.00 9.34 -4.01
CA ALA B 107 5.45 8.08 -4.49
C ALA B 107 6.26 7.87 -5.77
N ALA B 108 7.21 6.95 -5.73
CA ALA B 108 8.05 6.67 -6.88
C ALA B 108 7.46 5.53 -7.71
N LEU B 109 7.26 5.81 -9.00
CA LEU B 109 6.71 4.84 -9.93
C LEU B 109 7.84 4.20 -10.71
N TRP B 110 7.86 2.88 -10.76
CA TRP B 110 8.93 2.19 -11.48
C TRP B 110 8.41 0.93 -12.16
N TYR B 111 9.33 0.04 -12.54
CA TYR B 111 8.96 -1.17 -13.27
C TYR B 111 9.63 -2.42 -12.72
N LYS B 112 8.89 -3.53 -12.70
CA LYS B 112 9.46 -4.79 -12.24
C LYS B 112 9.15 -5.92 -13.22
N PRO C 8 6.42 -0.40 -38.54
CA PRO C 8 7.01 0.61 -37.62
C PRO C 8 6.85 0.10 -36.20
N LEU C 9 7.92 -0.48 -35.65
CA LEU C 9 7.88 -1.02 -34.30
C LEU C 9 8.50 -0.06 -33.30
N HIS C 10 8.26 -0.31 -32.02
CA HIS C 10 8.80 0.54 -30.95
C HIS C 10 8.36 1.99 -31.11
N ALA C 11 7.19 2.20 -31.71
CA ALA C 11 6.68 3.55 -31.91
C ALA C 11 6.58 4.33 -30.59
N TYR C 12 6.13 3.66 -29.54
CA TYR C 12 5.98 4.31 -28.24
C TYR C 12 7.30 4.70 -27.56
N PHE C 13 8.41 4.29 -28.15
CA PHE C 13 9.70 4.63 -27.58
C PHE C 13 10.33 5.81 -28.32
N LYS C 14 9.64 6.28 -29.35
CA LYS C 14 10.11 7.42 -30.14
C LYS C 14 9.33 8.64 -29.65
N LEU C 15 9.47 9.75 -30.36
CA LEU C 15 8.77 10.98 -29.99
C LEU C 15 7.27 10.93 -30.25
N PRO C 16 6.49 11.66 -29.43
CA PRO C 16 5.04 11.68 -29.63
C PRO C 16 4.78 12.25 -31.02
N ASN C 17 3.71 11.84 -31.67
CA ASN C 17 3.41 12.38 -33.00
C ASN C 17 2.06 13.09 -33.07
N THR C 18 1.39 13.24 -31.93
CA THR C 18 0.13 13.97 -31.91
C THR C 18 0.12 14.95 -30.75
N VAL C 19 -0.75 15.95 -30.85
CA VAL C 19 -0.91 16.94 -29.81
C VAL C 19 -2.40 17.22 -29.74
N SER C 20 -2.93 17.37 -28.53
CA SER C 20 -4.33 17.65 -28.33
C SER C 20 -4.49 18.81 -27.35
N LEU C 21 -5.34 19.77 -27.72
CA LEU C 21 -5.57 20.91 -26.87
C LEU C 21 -6.79 20.64 -26.02
N VAL C 22 -6.62 20.70 -24.70
CA VAL C 22 -7.74 20.49 -23.80
C VAL C 22 -7.73 21.61 -22.76
N ALA C 23 -8.86 21.79 -22.10
CA ALA C 23 -9.00 22.81 -21.07
C ALA C 23 -10.20 22.45 -20.23
N GLY C 24 -10.16 22.84 -18.95
CA GLY C 24 -11.27 22.56 -18.06
C GLY C 24 -11.18 23.42 -16.81
N SER C 25 -12.22 23.42 -16.00
CA SER C 25 -12.20 24.19 -14.76
C SER C 25 -13.00 23.42 -13.74
N SER C 26 -12.86 23.80 -12.49
CA SER C 26 -13.57 23.11 -11.42
C SER C 26 -13.30 23.74 -10.07
N GLU C 27 -14.19 23.44 -9.12
CA GLU C 27 -14.04 23.90 -7.75
C GLU C 27 -13.40 22.71 -7.05
N GLY C 28 -12.91 22.92 -5.83
CA GLY C 28 -12.29 21.84 -5.09
C GLY C 28 -12.18 22.23 -3.63
N GLU C 29 -12.14 21.25 -2.74
CA GLU C 29 -12.04 21.54 -1.32
C GLU C 29 -10.65 22.02 -0.96
N THR C 30 -9.69 21.67 -1.81
CA THR C 30 -8.31 22.09 -1.63
C THR C 30 -7.78 22.45 -3.00
N PRO C 31 -6.68 23.22 -3.06
CA PRO C 31 -6.13 23.61 -4.35
C PRO C 31 -5.82 22.38 -5.22
N LEU C 32 -5.21 21.37 -4.61
CA LEU C 32 -4.86 20.18 -5.36
C LEU C 32 -6.11 19.44 -5.85
N ASN C 33 -7.16 19.45 -5.06
CA ASN C 33 -8.40 18.78 -5.46
C ASN C 33 -9.09 19.55 -6.58
N ALA C 34 -8.95 20.89 -6.57
CA ALA C 34 -9.54 21.72 -7.61
C ALA C 34 -8.78 21.51 -8.92
N PHE C 35 -7.46 21.48 -8.83
CA PHE C 35 -6.60 21.25 -9.99
C PHE C 35 -6.99 19.90 -10.59
N ASP C 36 -7.13 18.89 -9.72
CA ASP C 36 -7.50 17.54 -10.14
C ASP C 36 -8.87 17.57 -10.81
N GLY C 37 -9.79 18.33 -10.22
CA GLY C 37 -11.12 18.43 -10.79
C GLY C 37 -11.06 19.09 -12.16
N ALA C 38 -10.14 20.03 -12.32
CA ALA C 38 -9.97 20.74 -13.57
C ALA C 38 -9.42 19.81 -14.65
N LEU C 39 -8.44 18.98 -14.28
CA LEU C 39 -7.88 18.04 -15.24
C LEU C 39 -8.96 17.04 -15.65
N LEU C 40 -9.74 16.56 -14.67
CA LEU C 40 -10.84 15.63 -14.92
C LEU C 40 -11.85 16.25 -15.90
N ASN C 41 -12.15 17.52 -15.68
CA ASN C 41 -13.09 18.24 -16.52
C ASN C 41 -12.57 18.45 -17.93
N ALA C 42 -11.26 18.52 -18.09
CA ALA C 42 -10.63 18.71 -19.40
C ALA C 42 -10.49 17.37 -20.15
N GLY C 43 -10.67 16.26 -19.44
CA GLY C 43 -10.56 14.96 -20.08
C GLY C 43 -9.26 14.21 -19.86
N ILE C 44 -8.33 14.78 -19.10
CA ILE C 44 -7.06 14.12 -18.83
C ILE C 44 -6.84 13.95 -17.33
N GLY C 45 -7.91 13.65 -16.61
CA GLY C 45 -7.80 13.50 -15.17
C GLY C 45 -7.21 12.19 -14.70
N ASN C 46 -7.23 11.19 -15.57
CA ASN C 46 -6.74 9.88 -15.20
C ASN C 46 -5.43 9.41 -15.83
N VAL C 47 -4.52 10.35 -16.06
CA VAL C 47 -3.20 10.06 -16.59
C VAL C 47 -2.25 10.94 -15.78
N ALA C 48 -0.99 10.58 -15.76
CA ALA C 48 -0.01 11.35 -15.03
C ALA C 48 0.57 12.35 -16.03
N LEU C 49 0.59 13.62 -15.64
CA LEU C 49 1.13 14.64 -16.52
C LEU C 49 2.60 14.91 -16.26
N ILE C 50 3.38 14.96 -17.34
CA ILE C 50 4.80 15.27 -17.25
C ILE C 50 4.88 16.64 -17.89
N ARG C 51 4.99 17.68 -17.06
CA ARG C 51 5.04 19.04 -17.56
C ARG C 51 6.33 19.25 -18.35
N ILE C 52 6.17 19.68 -19.59
CA ILE C 52 7.32 19.90 -20.44
C ILE C 52 7.38 21.34 -20.88
N SER C 53 8.50 21.69 -21.49
CA SER C 53 8.71 23.03 -22.01
C SER C 53 7.75 23.09 -23.21
N SER C 54 7.50 24.29 -23.72
CA SER C 54 6.54 24.45 -24.81
C SER C 54 6.94 24.18 -26.27
N ILE C 55 7.43 22.96 -26.53
CA ILE C 55 7.85 22.57 -27.87
C ILE C 55 7.25 21.21 -28.23
N MET C 56 6.83 21.05 -29.48
CA MET C 56 6.28 19.78 -29.93
C MET C 56 7.04 19.31 -31.17
N PRO C 57 7.15 18.00 -31.37
CA PRO C 57 7.87 17.43 -32.51
C PRO C 57 7.40 17.94 -33.87
N PRO C 58 8.31 18.00 -34.84
CA PRO C 58 7.94 18.47 -36.19
C PRO C 58 6.82 17.59 -36.72
N GLU C 59 5.87 18.22 -37.42
CA GLU C 59 4.74 17.52 -38.02
C GLU C 59 3.81 16.76 -37.05
N ALA C 60 3.91 17.03 -35.76
CA ALA C 60 3.03 16.36 -34.82
C ALA C 60 1.62 16.78 -35.26
N GLU C 61 0.68 15.84 -35.25
CA GLU C 61 -0.66 16.14 -35.70
C GLU C 61 -1.58 16.61 -34.58
N ILE C 62 -2.28 17.71 -34.81
CA ILE C 62 -3.22 18.19 -33.80
C ILE C 62 -4.45 17.31 -33.96
N VAL C 63 -4.88 16.68 -32.89
CA VAL C 63 -6.05 15.82 -32.95
C VAL C 63 -6.83 15.95 -31.66
N PRO C 64 -8.11 15.54 -31.68
CA PRO C 64 -8.91 15.62 -30.45
C PRO C 64 -8.30 14.61 -29.48
N LEU C 65 -8.38 14.89 -28.19
CA LEU C 65 -7.81 13.99 -27.19
C LEU C 65 -8.18 12.54 -27.45
N PRO C 66 -7.17 11.67 -27.61
CA PRO C 66 -7.52 10.26 -27.85
C PRO C 66 -7.86 9.56 -26.54
N LYS C 67 -8.35 8.34 -26.66
CA LYS C 67 -8.68 7.55 -25.47
C LYS C 67 -7.33 7.13 -24.92
N LEU C 68 -6.91 7.78 -23.84
CA LEU C 68 -5.62 7.50 -23.21
C LEU C 68 -5.67 6.41 -22.15
N PRO C 69 -4.69 5.50 -22.18
CA PRO C 69 -4.67 4.42 -21.19
C PRO C 69 -4.49 5.09 -19.83
N MET C 70 -5.26 4.66 -18.82
CA MET C 70 -5.14 5.25 -17.49
C MET C 70 -3.73 5.03 -16.97
N GLY C 71 -3.18 6.06 -16.34
CA GLY C 71 -1.83 5.94 -15.80
C GLY C 71 -0.71 6.31 -16.77
N ALA C 72 -1.07 6.66 -18.01
CA ALA C 72 -0.05 7.03 -18.98
C ALA C 72 0.74 8.25 -18.51
N LEU C 73 2.03 8.29 -18.87
CA LEU C 73 2.92 9.40 -18.51
C LEU C 73 2.90 10.32 -19.73
N VAL C 74 1.95 11.25 -19.74
CA VAL C 74 1.78 12.15 -20.86
C VAL C 74 2.59 13.44 -20.84
N PRO C 75 3.49 13.64 -21.83
CA PRO C 75 4.30 14.87 -21.87
C PRO C 75 3.27 15.95 -22.15
N THR C 76 3.16 16.92 -21.25
CA THR C 76 2.14 17.94 -21.39
C THR C 76 2.58 19.36 -21.07
N ALA C 77 2.29 20.29 -21.98
CA ALA C 77 2.60 21.68 -21.75
C ALA C 77 1.27 22.21 -21.23
N TYR C 78 1.30 22.86 -20.08
CA TYR C 78 0.06 23.37 -19.53
C TYR C 78 0.21 24.62 -18.70
N GLY C 79 -0.93 25.29 -18.52
CA GLY C 79 -0.97 26.49 -17.71
C GLY C 79 -2.18 26.34 -16.82
N TYR C 80 -2.10 26.83 -15.59
CA TYR C 80 -3.23 26.74 -14.68
C TYR C 80 -3.21 27.87 -13.68
N ILE C 81 -4.37 28.14 -13.11
CA ILE C 81 -4.50 29.19 -12.11
C ILE C 81 -5.52 28.75 -11.07
N ILE C 82 -5.19 28.98 -9.81
CA ILE C 82 -6.07 28.62 -8.71
C ILE C 82 -6.40 29.88 -7.91
N SER C 83 -7.67 30.05 -7.60
CA SER C 83 -8.13 31.21 -6.83
C SER C 83 -9.17 30.80 -5.82
N ASP C 84 -9.14 31.44 -4.65
CA ASP C 84 -10.11 31.16 -3.60
C ASP C 84 -10.88 32.44 -3.31
N VAL C 85 -10.88 33.36 -4.26
CA VAL C 85 -11.58 34.62 -4.10
C VAL C 85 -12.95 34.50 -4.75
N PRO C 86 -14.01 34.45 -3.94
CA PRO C 86 -15.37 34.33 -4.46
C PRO C 86 -15.69 35.35 -5.56
N GLY C 87 -16.34 34.88 -6.62
CA GLY C 87 -16.71 35.77 -7.70
C GLY C 87 -15.61 36.17 -8.67
N GLU C 88 -14.36 35.83 -8.36
CA GLU C 88 -13.26 36.18 -9.25
C GLU C 88 -13.26 35.30 -10.49
N THR C 89 -12.93 35.89 -11.63
CA THR C 89 -12.89 35.18 -12.89
C THR C 89 -11.45 34.86 -13.28
N ILE C 90 -11.16 33.58 -13.45
CA ILE C 90 -9.82 33.15 -13.82
C ILE C 90 -9.89 32.39 -15.13
N SER C 91 -8.80 32.46 -15.90
CA SER C 91 -8.76 31.80 -17.18
C SER C 91 -7.40 31.19 -17.47
N ALA C 92 -7.39 30.21 -18.36
CA ALA C 92 -6.18 29.53 -18.79
C ALA C 92 -6.35 29.31 -20.28
N ALA C 93 -5.30 29.50 -21.04
CA ALA C 93 -5.38 29.31 -22.49
C ALA C 93 -4.15 28.54 -22.95
N ILE C 94 -4.28 27.89 -24.10
CA ILE C 94 -3.18 27.12 -24.66
C ILE C 94 -3.18 27.32 -26.17
N SER C 95 -2.00 27.48 -26.76
CA SER C 95 -1.90 27.67 -28.21
C SER C 95 -0.80 26.80 -28.81
N VAL C 96 -1.02 26.38 -30.04
CA VAL C 96 -0.06 25.56 -30.77
C VAL C 96 0.23 26.25 -32.11
N ALA C 97 1.49 26.61 -32.32
CA ALA C 97 1.91 27.29 -33.55
C ALA C 97 2.66 26.33 -34.49
N ILE C 98 2.04 26.04 -35.63
CA ILE C 98 2.64 25.15 -36.61
C ILE C 98 3.44 25.93 -37.65
N PRO C 99 4.71 25.54 -37.86
CA PRO C 99 5.60 26.20 -38.82
C PRO C 99 5.35 25.75 -40.26
N LYS C 100 5.71 26.62 -41.21
CA LYS C 100 5.57 26.30 -42.63
C LYS C 100 6.61 25.26 -42.99
N ASP C 101 7.81 25.44 -42.45
CA ASP C 101 8.91 24.51 -42.68
C ASP C 101 8.61 23.27 -41.83
N LYS C 102 8.28 22.18 -42.50
CA LYS C 102 7.94 20.94 -41.82
C LYS C 102 9.07 20.26 -41.07
N SER C 103 10.29 20.75 -41.25
CA SER C 103 11.43 20.16 -40.54
C SER C 103 11.57 20.80 -39.18
N LEU C 104 10.86 21.91 -38.95
CA LEU C 104 10.93 22.62 -37.68
C LEU C 104 9.90 22.14 -36.66
N CYS C 105 10.19 22.37 -35.39
CA CYS C 105 9.27 21.97 -34.32
C CYS C 105 8.11 22.93 -34.20
N GLY C 106 7.05 22.51 -33.51
CA GLY C 106 5.91 23.38 -33.33
C GLY C 106 6.08 24.05 -31.98
N LEU C 107 5.50 25.24 -31.80
CA LEU C 107 5.60 25.94 -30.53
C LEU C 107 4.31 25.88 -29.74
N ILE C 108 4.43 25.67 -28.43
CA ILE C 108 3.26 25.65 -27.59
C ILE C 108 3.43 26.81 -26.62
N MET C 109 2.37 27.50 -26.32
CA MET C 109 2.45 28.62 -25.38
C MET C 109 1.27 28.41 -24.49
N GLU C 110 1.46 28.68 -23.21
CA GLU C 110 0.40 28.53 -22.24
C GLU C 110 0.23 29.89 -21.57
N TYR C 111 -0.97 30.14 -21.07
CA TYR C 111 -1.25 31.40 -20.40
C TYR C 111 -2.29 31.21 -19.31
N GLU C 112 -2.20 32.00 -18.26
CA GLU C 112 -3.17 31.93 -17.17
C GLU C 112 -3.25 33.28 -16.51
N GLY C 113 -4.43 33.66 -16.05
CA GLY C 113 -4.56 34.96 -15.41
C GLY C 113 -5.98 35.28 -14.99
N LYS C 114 -6.12 36.42 -14.32
CA LYS C 114 -7.41 36.89 -13.84
C LYS C 114 -8.01 37.76 -14.94
N CYS C 115 -8.44 37.11 -16.01
CA CYS C 115 -9.03 37.81 -17.14
C CYS C 115 -10.12 36.93 -17.74
N SER C 116 -10.70 37.39 -18.84
CA SER C 116 -11.76 36.64 -19.52
C SER C 116 -11.16 35.60 -20.45
N LYS C 117 -11.96 34.60 -20.79
CA LYS C 117 -11.55 33.54 -21.69
C LYS C 117 -11.07 34.17 -22.99
N LYS C 118 -11.81 35.17 -23.46
CA LYS C 118 -11.47 35.86 -24.70
C LYS C 118 -10.10 36.50 -24.64
N GLU C 119 -9.86 37.29 -23.59
CA GLU C 119 -8.57 37.96 -23.43
C GLU C 119 -7.44 36.93 -23.32
N ALA C 120 -7.71 35.86 -22.58
CA ALA C 120 -6.73 34.80 -22.39
C ALA C 120 -6.30 34.20 -23.73
N GLU C 121 -7.26 33.81 -24.56
CA GLU C 121 -6.92 33.21 -25.85
C GLU C 121 -6.18 34.20 -26.74
N LYS C 122 -6.64 35.43 -26.76
CA LYS C 122 -6.00 36.47 -27.56
C LYS C 122 -4.54 36.61 -27.15
N THR C 123 -4.28 36.58 -25.85
CA THR C 123 -2.91 36.72 -25.35
C THR C 123 -2.01 35.54 -25.69
N VAL C 124 -2.50 34.32 -25.49
CA VAL C 124 -1.69 33.15 -25.77
C VAL C 124 -1.41 33.03 -27.28
N ARG C 125 -2.34 33.53 -28.10
CA ARG C 125 -2.16 33.51 -29.54
C ARG C 125 -1.05 34.48 -29.93
N GLU C 126 -1.01 35.64 -29.26
CA GLU C 126 0.00 36.63 -29.54
C GLU C 126 1.38 36.10 -29.11
N MET C 127 1.40 35.43 -27.97
CA MET C 127 2.63 34.84 -27.46
C MET C 127 3.25 33.85 -28.45
N ALA C 128 2.42 33.03 -29.08
CA ALA C 128 2.91 32.05 -30.05
C ALA C 128 3.51 32.77 -31.25
N LYS C 129 2.85 33.85 -31.67
CA LYS C 129 3.29 34.64 -32.80
C LYS C 129 4.68 35.20 -32.51
N ILE C 130 4.84 35.74 -31.30
CA ILE C 130 6.12 36.29 -30.85
C ILE C 130 7.19 35.20 -30.83
N GLY C 131 6.79 33.99 -30.48
CA GLY C 131 7.73 32.88 -30.45
C GLY C 131 8.32 32.64 -31.82
N PHE C 132 7.49 32.75 -32.85
CA PHE C 132 7.96 32.56 -34.21
C PHE C 132 8.79 33.75 -34.68
N GLU C 133 8.37 34.96 -34.30
CA GLU C 133 9.10 36.16 -34.67
C GLU C 133 10.52 36.11 -34.09
N MET C 134 10.63 35.72 -32.82
CA MET C 134 11.92 35.63 -32.18
C MET C 134 12.81 34.60 -32.88
N ARG C 135 12.19 33.59 -33.49
CA ARG C 135 12.97 32.56 -34.19
C ARG C 135 13.19 32.94 -35.65
N GLY C 136 12.32 33.80 -36.17
CA GLY C 136 12.43 34.22 -37.56
C GLY C 136 11.84 33.17 -38.48
N TRP C 137 10.91 32.39 -37.93
CA TRP C 137 10.26 31.33 -38.70
C TRP C 137 8.94 31.76 -39.32
N GLU C 138 8.64 31.17 -40.48
CA GLU C 138 7.41 31.45 -41.17
C GLU C 138 6.32 30.61 -40.51
N LEU C 139 5.24 31.27 -40.10
CA LEU C 139 4.12 30.62 -39.44
C LEU C 139 3.17 30.03 -40.45
N ASP C 140 2.64 28.84 -40.17
CA ASP C 140 1.67 28.22 -41.05
C ASP C 140 0.30 28.60 -40.52
N ARG C 141 0.13 28.39 -39.21
CA ARG C 141 -1.12 28.73 -38.53
C ARG C 141 -1.01 28.51 -37.03
N ILE C 142 -2.01 28.99 -36.30
CA ILE C 142 -2.03 28.84 -34.86
C ILE C 142 -3.42 28.40 -34.44
N GLU C 143 -3.47 27.38 -33.59
CA GLU C 143 -4.73 26.89 -33.08
C GLU C 143 -4.70 27.06 -31.57
N SER C 144 -5.86 27.30 -30.97
CA SER C 144 -5.89 27.53 -29.53
C SER C 144 -7.27 27.34 -28.92
N ILE C 145 -7.32 27.31 -27.60
CA ILE C 145 -8.56 27.19 -26.85
C ILE C 145 -8.32 27.83 -25.50
N ALA C 146 -9.39 28.32 -24.89
CA ALA C 146 -9.28 28.96 -23.59
C ALA C 146 -10.44 28.51 -22.73
N VAL C 147 -10.35 28.77 -21.44
CA VAL C 147 -11.40 28.42 -20.52
C VAL C 147 -11.38 29.42 -19.38
N GLU C 148 -12.55 29.75 -18.87
CA GLU C 148 -12.64 30.68 -17.76
C GLU C 148 -13.52 30.05 -16.69
N HIS C 149 -13.31 30.49 -15.46
CA HIS C 149 -14.05 29.95 -14.35
C HIS C 149 -14.30 31.07 -13.35
N THR C 150 -15.52 31.16 -12.84
CA THR C 150 -15.80 32.17 -11.84
C THR C 150 -15.81 31.45 -10.51
N VAL C 151 -14.80 31.72 -9.71
CA VAL C 151 -14.65 31.11 -8.40
C VAL C 151 -15.90 31.21 -7.55
N GLU C 152 -16.25 30.10 -6.91
CA GLU C 152 -17.41 30.05 -6.03
C GLU C 152 -16.83 30.10 -4.63
N LYS C 153 -15.87 29.22 -4.37
CA LYS C 153 -15.19 29.16 -3.09
C LYS C 153 -13.71 28.92 -3.36
N LEU C 154 -13.41 27.93 -4.20
CA LEU C 154 -12.03 27.62 -4.55
C LEU C 154 -12.09 26.93 -5.91
N GLY C 155 -11.55 27.59 -6.93
CA GLY C 155 -11.60 27.02 -8.26
C GLY C 155 -10.29 27.04 -9.04
N CYS C 156 -10.28 26.30 -10.13
CA CYS C 156 -9.09 26.21 -10.98
C CYS C 156 -9.43 26.20 -12.46
N ALA C 157 -8.68 26.96 -13.24
CA ALA C 157 -8.83 27.03 -14.69
C ALA C 157 -7.56 26.35 -15.22
N PHE C 158 -7.72 25.40 -16.11
CA PHE C 158 -6.60 24.62 -16.66
C PHE C 158 -6.64 24.52 -18.18
N ALA C 159 -5.51 24.72 -18.85
CA ALA C 159 -5.43 24.58 -20.30
C ALA C 159 -4.12 23.85 -20.60
N ALA C 160 -4.15 22.89 -21.52
CA ALA C 160 -2.97 22.12 -21.82
C ALA C 160 -2.88 21.60 -23.25
N ALA C 161 -1.65 21.27 -23.64
CA ALA C 161 -1.34 20.70 -24.95
C ALA C 161 -0.71 19.34 -24.57
N ALA C 162 -1.48 18.27 -24.74
CA ALA C 162 -1.00 16.93 -24.40
C ALA C 162 -0.44 16.23 -25.63
N LEU C 163 0.78 15.71 -25.51
CA LEU C 163 1.43 15.02 -26.61
C LEU C 163 1.29 13.50 -26.47
N TRP C 164 0.84 12.83 -27.52
CA TRP C 164 0.70 11.39 -27.42
C TRP C 164 1.07 10.72 -28.74
N TYR C 165 0.52 9.52 -28.95
CA TYR C 165 0.85 8.77 -30.15
C TYR C 165 -0.36 8.40 -30.97
N LYS C 166 -0.18 8.44 -32.28
CA LYS C 166 -1.22 8.09 -33.23
C LYS C 166 -0.82 6.73 -33.78
N ALA D 4 16.30 6.66 -34.20
CA ALA D 4 17.05 7.92 -33.88
C ALA D 4 16.31 8.78 -32.84
N GLU D 5 15.08 8.39 -32.53
CA GLU D 5 14.29 9.13 -31.55
C GLU D 5 14.14 8.36 -30.25
N ILE D 6 13.87 9.08 -29.17
CA ILE D 6 13.67 8.44 -27.88
C ILE D 6 12.80 9.27 -26.96
N ASN D 7 11.93 8.60 -26.23
CA ASN D 7 11.08 9.25 -25.25
C ASN D 7 11.57 8.69 -23.92
N PRO D 8 12.43 9.44 -23.21
CA PRO D 8 12.99 9.00 -21.92
C PRO D 8 11.93 8.54 -20.90
N LEU D 9 10.70 9.02 -21.04
CA LEU D 9 9.62 8.64 -20.13
C LEU D 9 9.19 7.20 -20.37
N HIS D 10 9.40 6.71 -21.59
CA HIS D 10 9.02 5.35 -21.94
C HIS D 10 10.22 4.40 -21.94
N ALA D 11 11.35 4.88 -22.46
CA ALA D 11 12.57 4.08 -22.49
C ALA D 11 13.32 4.30 -21.17
N TYR D 12 12.72 3.84 -20.07
CA TYR D 12 13.30 3.97 -18.73
C TYR D 12 14.59 3.17 -18.57
N PHE D 13 14.76 2.15 -19.40
CA PHE D 13 15.94 1.28 -19.34
C PHE D 13 17.14 1.83 -20.12
N LYS D 14 16.93 2.92 -20.85
CA LYS D 14 18.02 3.51 -21.62
C LYS D 14 18.35 4.85 -20.96
N LEU D 15 19.43 4.88 -20.20
CA LEU D 15 19.81 6.10 -19.49
C LEU D 15 20.75 7.00 -20.28
N PRO D 16 20.63 8.31 -20.09
CA PRO D 16 21.48 9.29 -20.77
C PRO D 16 22.93 8.98 -20.42
N ASN D 17 23.86 9.33 -21.31
CA ASN D 17 25.28 9.08 -21.02
C ASN D 17 26.15 10.29 -21.29
N THR D 18 25.52 11.43 -21.55
CA THR D 18 26.24 12.67 -21.77
C THR D 18 25.49 13.79 -21.03
N VAL D 19 26.23 14.83 -20.67
CA VAL D 19 25.63 15.97 -20.01
C VAL D 19 26.35 17.18 -20.60
N SER D 20 25.57 18.21 -20.87
CA SER D 20 26.13 19.43 -21.46
C SER D 20 25.66 20.61 -20.64
N LEU D 21 26.58 21.51 -20.29
CA LEU D 21 26.25 22.69 -19.52
C LEU D 21 26.00 23.85 -20.47
N VAL D 22 24.82 24.46 -20.37
CA VAL D 22 24.50 25.60 -21.22
C VAL D 22 23.86 26.68 -20.38
N ALA D 23 23.86 27.91 -20.90
CA ALA D 23 23.27 29.03 -20.20
C ALA D 23 23.03 30.13 -21.20
N GLY D 24 22.04 30.96 -20.89
CA GLY D 24 21.72 32.06 -21.78
C GLY D 24 20.69 32.93 -21.10
N SER D 25 20.38 34.08 -21.69
CA SER D 25 19.40 34.97 -21.11
C SER D 25 18.74 35.72 -22.26
N SER D 26 17.66 36.44 -21.95
CA SER D 26 16.96 37.16 -22.98
C SER D 26 15.82 37.99 -22.41
N GLU D 27 15.40 38.98 -23.20
CA GLU D 27 14.28 39.83 -22.82
C GLU D 27 13.07 39.18 -23.48
N GLY D 28 11.88 39.62 -23.10
CA GLY D 28 10.68 39.05 -23.70
C GLY D 28 9.51 39.96 -23.38
N GLU D 29 8.45 39.87 -24.18
CA GLU D 29 7.27 40.69 -23.97
C GLU D 29 6.38 40.09 -22.88
N THR D 30 6.68 38.85 -22.51
CA THR D 30 5.96 38.14 -21.46
C THR D 30 6.98 37.26 -20.77
N PRO D 31 6.67 36.78 -19.55
CA PRO D 31 7.62 35.92 -18.84
C PRO D 31 7.94 34.67 -19.65
N LEU D 32 6.91 34.01 -20.17
CA LEU D 32 7.12 32.80 -20.96
C LEU D 32 7.97 33.09 -22.20
N ASN D 33 7.72 34.22 -22.86
CA ASN D 33 8.50 34.55 -24.04
C ASN D 33 9.94 34.86 -23.69
N ALA D 34 10.17 35.47 -22.52
CA ALA D 34 11.53 35.77 -22.10
C ALA D 34 12.24 34.44 -21.85
N PHE D 35 11.56 33.54 -21.16
CA PHE D 35 12.10 32.22 -20.85
C PHE D 35 12.49 31.50 -22.17
N ASP D 36 11.57 31.53 -23.14
CA ASP D 36 11.80 30.91 -24.44
C ASP D 36 13.04 31.50 -25.11
N GLY D 37 13.17 32.82 -25.02
CA GLY D 37 14.32 33.50 -25.61
C GLY D 37 15.63 33.06 -24.98
N ALA D 38 15.60 32.84 -23.66
CA ALA D 38 16.78 32.43 -22.93
C ALA D 38 17.20 31.01 -23.33
N LEU D 39 16.24 30.11 -23.42
CA LEU D 39 16.55 28.74 -23.82
C LEU D 39 17.16 28.80 -25.21
N LEU D 40 16.55 29.62 -26.08
CA LEU D 40 17.05 29.81 -27.44
C LEU D 40 18.48 30.33 -27.39
N ASN D 41 18.72 31.37 -26.60
CA ASN D 41 20.07 31.93 -26.49
C ASN D 41 21.05 30.86 -25.98
N ALA D 42 20.55 29.97 -25.11
CA ALA D 42 21.36 28.90 -24.54
C ALA D 42 21.51 27.71 -25.48
N GLY D 43 20.70 27.66 -26.53
CA GLY D 43 20.80 26.57 -27.49
C GLY D 43 19.83 25.41 -27.31
N ILE D 44 18.94 25.48 -26.33
CA ILE D 44 17.97 24.40 -26.12
C ILE D 44 16.54 24.92 -26.17
N GLY D 45 16.32 25.93 -27.01
CA GLY D 45 14.99 26.51 -27.13
C GLY D 45 14.10 25.81 -28.14
N ASN D 46 14.66 24.88 -28.90
CA ASN D 46 13.88 24.15 -29.90
C ASN D 46 13.69 22.67 -29.58
N VAL D 47 13.66 22.36 -28.28
CA VAL D 47 13.44 21.02 -27.77
C VAL D 47 12.49 21.11 -26.58
N ALA D 48 11.87 19.99 -26.24
CA ALA D 48 10.97 19.93 -25.11
C ALA D 48 11.78 19.46 -23.91
N LEU D 49 11.90 20.33 -22.90
CA LEU D 49 12.65 19.99 -21.72
C LEU D 49 11.84 19.24 -20.67
N ILE D 50 12.35 18.08 -20.25
CA ILE D 50 11.68 17.33 -19.18
C ILE D 50 12.55 17.68 -17.98
N ARG D 51 12.01 18.51 -17.08
CA ARG D 51 12.79 18.91 -15.92
C ARG D 51 13.04 17.79 -14.91
N ILE D 52 14.31 17.58 -14.57
CA ILE D 52 14.65 16.56 -13.60
C ILE D 52 15.11 17.25 -12.33
N SER D 53 14.80 16.63 -11.20
CA SER D 53 15.13 17.18 -9.89
C SER D 53 15.48 16.11 -8.87
N ILE E 1 20.45 14.50 -10.50
CA ILE E 1 21.43 13.42 -10.47
C ILE E 1 21.76 13.08 -11.91
N MET E 2 23.03 12.80 -12.14
CA MET E 2 23.57 12.47 -13.45
C MET E 2 24.06 11.02 -13.38
N PRO E 3 23.80 10.20 -14.41
CA PRO E 3 24.23 8.80 -14.42
C PRO E 3 25.73 8.62 -14.32
N PRO E 4 26.18 7.56 -13.64
CA PRO E 4 27.62 7.32 -13.50
C PRO E 4 28.26 7.23 -14.89
N GLU E 5 29.48 7.76 -15.02
CA GLU E 5 30.21 7.73 -16.30
C GLU E 5 29.70 8.70 -17.37
N ALA E 6 28.58 9.37 -17.11
CA ALA E 6 28.06 10.32 -18.09
C ALA E 6 29.22 11.23 -18.47
N GLU E 7 29.36 11.55 -19.75
CA GLU E 7 30.45 12.41 -20.18
C GLU E 7 30.00 13.85 -20.39
N ILE E 8 30.79 14.79 -19.90
CA ILE E 8 30.49 16.20 -20.10
C ILE E 8 30.95 16.47 -21.52
N VAL E 9 30.03 16.93 -22.36
CA VAL E 9 30.34 17.21 -23.76
C VAL E 9 29.66 18.51 -24.19
N PRO E 10 30.17 19.13 -25.27
CA PRO E 10 29.56 20.37 -25.77
C PRO E 10 28.14 20.00 -26.19
N LEU E 11 27.20 20.92 -26.05
CA LEU E 11 25.82 20.64 -26.43
C LEU E 11 25.78 20.10 -27.85
N PRO E 12 25.28 18.87 -28.03
CA PRO E 12 25.20 18.27 -29.37
C PRO E 12 24.11 18.93 -30.21
N LYS E 13 24.02 18.52 -31.46
CA LYS E 13 22.98 19.05 -32.34
C LYS E 13 21.74 18.23 -31.99
N LEU E 14 20.84 18.85 -31.24
CA LEU E 14 19.62 18.18 -30.79
C LEU E 14 18.54 18.17 -31.84
N PRO E 15 17.89 17.03 -32.04
CA PRO E 15 16.81 16.94 -33.03
C PRO E 15 15.70 17.91 -32.62
N MET E 16 15.03 18.49 -33.62
CA MET E 16 13.94 19.42 -33.38
C MET E 16 12.83 18.75 -32.57
N GLY E 17 12.40 19.41 -31.50
CA GLY E 17 11.33 18.86 -30.69
C GLY E 17 11.66 17.63 -29.85
N ALA E 18 12.93 17.29 -29.71
CA ALA E 18 13.29 16.12 -28.91
C ALA E 18 12.91 16.36 -27.45
N LEU E 19 12.70 15.28 -26.70
CA LEU E 19 12.38 15.39 -25.28
C LEU E 19 13.73 15.23 -24.59
N VAL E 20 14.17 16.30 -23.93
CA VAL E 20 15.48 16.30 -23.28
C VAL E 20 15.43 16.44 -21.75
N PRO E 21 15.88 15.40 -21.02
CA PRO E 21 15.88 15.47 -19.54
C PRO E 21 16.86 16.57 -19.18
N THR E 22 16.41 17.54 -18.40
CA THR E 22 17.27 18.67 -18.08
C THR E 22 17.09 19.19 -16.67
N ALA E 23 18.21 19.42 -15.99
CA ALA E 23 18.18 20.01 -14.66
C ALA E 23 18.48 21.48 -14.97
N TYR E 24 17.69 22.39 -14.42
CA TYR E 24 17.95 23.80 -14.70
C TYR E 24 17.44 24.76 -13.66
N GLY E 25 17.96 25.97 -13.74
CA GLY E 25 17.57 27.04 -12.83
C GLY E 25 17.38 28.27 -13.68
N TYR E 26 16.40 29.07 -13.33
CA TYR E 26 16.14 30.28 -14.07
C TYR E 26 15.48 31.27 -13.12
N ILE E 27 15.49 32.53 -13.53
CA ILE E 27 14.88 33.59 -12.75
C ILE E 27 14.41 34.62 -13.76
N ILE E 28 13.19 35.11 -13.56
CA ILE E 28 12.61 36.11 -14.45
C ILE E 28 12.35 37.38 -13.63
N SER E 29 12.70 38.54 -14.18
CA SER E 29 12.50 39.80 -13.49
C SER E 29 11.99 40.88 -14.41
N ASP E 30 11.04 41.67 -13.92
CA ASP E 30 10.47 42.77 -14.69
C ASP E 30 10.81 44.12 -14.05
N VAL E 31 11.95 44.18 -13.37
CA VAL E 31 12.39 45.41 -12.73
C VAL E 31 13.55 45.97 -13.55
N PRO E 32 13.33 47.09 -14.23
CA PRO E 32 14.36 47.73 -15.06
C PRO E 32 15.71 47.88 -14.36
N GLY E 33 16.78 47.69 -15.12
CA GLY E 33 18.12 47.83 -14.57
C GLY E 33 18.59 46.74 -13.62
N GLU E 34 17.66 46.01 -13.03
CA GLU E 34 18.03 44.93 -12.10
C GLU E 34 18.87 43.85 -12.76
N THR E 35 19.83 43.32 -12.01
CA THR E 35 20.71 42.27 -12.51
C THR E 35 20.25 40.93 -11.94
N ILE E 36 20.23 39.91 -12.77
CA ILE E 36 19.81 38.58 -12.31
C ILE E 36 20.73 37.53 -12.91
N SER E 37 20.98 36.48 -12.14
CA SER E 37 21.88 35.41 -12.60
C SER E 37 21.34 34.02 -12.39
N ALA E 38 21.89 33.09 -13.16
CA ALA E 38 21.52 31.68 -13.06
C ALA E 38 22.81 30.91 -13.28
N ALA E 39 22.99 29.79 -12.59
CA ALA E 39 24.20 29.00 -12.73
C ALA E 39 23.96 27.52 -12.48
N ILE E 40 24.80 26.69 -13.10
CA ILE E 40 24.71 25.25 -12.97
C ILE E 40 26.09 24.68 -12.66
N SER E 41 26.13 23.66 -11.81
CA SER E 41 27.38 23.00 -11.50
C SER E 41 27.14 21.51 -11.59
N VAL E 42 28.18 20.79 -12.00
CA VAL E 42 28.12 19.34 -12.13
C VAL E 42 29.31 18.80 -11.38
N ALA E 43 29.02 18.09 -10.28
CA ALA E 43 30.07 17.50 -9.46
C ALA E 43 30.33 16.08 -9.92
N ILE E 44 31.56 15.80 -10.32
CA ILE E 44 31.98 14.48 -10.80
C ILE E 44 32.73 13.72 -9.69
N PRO E 45 32.33 12.47 -9.44
CA PRO E 45 32.98 11.65 -8.41
C PRO E 45 34.28 10.99 -8.87
N LYS E 46 35.17 10.68 -7.94
CA LYS E 46 36.40 9.99 -8.28
C LYS E 46 36.05 8.53 -8.54
N ASP E 47 35.06 8.02 -7.81
CA ASP E 47 34.59 6.64 -7.97
C ASP E 47 33.64 6.68 -9.17
N LYS E 48 34.04 6.08 -10.28
CA LYS E 48 33.24 6.10 -11.51
C LYS E 48 31.93 5.29 -11.49
N SER E 49 31.72 4.51 -10.44
CA SER E 49 30.48 3.75 -10.34
C SER E 49 29.40 4.61 -9.71
N LEU E 50 29.79 5.77 -9.19
CA LEU E 50 28.85 6.69 -8.54
C LEU E 50 28.30 7.74 -9.49
N CYS E 51 27.15 8.30 -9.12
CA CYS E 51 26.48 9.33 -9.91
C CYS E 51 27.18 10.68 -9.86
N GLY E 52 26.81 11.53 -10.81
CA GLY E 52 27.31 12.87 -10.84
C GLY E 52 26.21 13.67 -10.17
N LEU E 53 26.53 14.81 -9.58
CA LEU E 53 25.50 15.60 -8.92
C LEU E 53 25.37 16.95 -9.58
N ILE E 54 24.14 17.34 -9.89
CA ILE E 54 23.88 18.63 -10.55
C ILE E 54 23.15 19.56 -9.59
N MET E 55 23.67 20.77 -9.44
CA MET E 55 23.06 21.78 -8.57
C MET E 55 22.79 22.97 -9.46
N GLU E 56 21.69 23.68 -9.18
CA GLU E 56 21.37 24.87 -9.95
C GLU E 56 21.09 25.98 -8.95
N TYR E 57 21.29 27.21 -9.40
CA TYR E 57 21.09 28.35 -8.54
C TYR E 57 20.66 29.55 -9.37
N GLU E 58 19.83 30.41 -8.78
CA GLU E 58 19.37 31.60 -9.45
C GLU E 58 19.08 32.65 -8.39
N GLY E 59 19.32 33.91 -8.74
CA GLY E 59 19.07 34.99 -7.81
C GLY E 59 19.50 36.34 -8.36
N LYS E 60 19.30 37.38 -7.56
CA LYS E 60 19.65 38.73 -7.95
C LYS E 60 21.08 39.05 -7.52
N CYS E 61 22.03 38.61 -8.34
CA CYS E 61 23.44 38.82 -8.07
C CYS E 61 24.25 38.61 -9.34
N SER E 62 25.55 38.84 -9.27
CA SER E 62 26.44 38.70 -10.42
C SER E 62 26.64 37.23 -10.80
N LYS E 63 27.21 36.99 -11.97
CA LYS E 63 27.45 35.62 -12.41
C LYS E 63 28.61 35.03 -11.63
N LYS E 64 29.47 35.90 -11.11
CA LYS E 64 30.62 35.47 -10.33
C LYS E 64 30.15 34.86 -9.00
N GLU E 65 29.18 35.52 -8.38
CA GLU E 65 28.64 35.06 -7.10
C GLU E 65 27.76 33.83 -7.30
N ALA E 66 26.95 33.86 -8.35
CA ALA E 66 26.06 32.75 -8.64
C ALA E 66 26.84 31.47 -8.90
N GLU E 67 27.91 31.57 -9.69
CA GLU E 67 28.71 30.40 -9.99
C GLU E 67 29.50 29.93 -8.75
N LYS E 68 29.91 30.87 -7.92
CA LYS E 68 30.64 30.53 -6.71
C LYS E 68 29.70 29.72 -5.82
N THR E 69 28.45 30.18 -5.71
CA THR E 69 27.44 29.52 -4.89
C THR E 69 27.06 28.12 -5.39
N VAL E 70 26.75 28.00 -6.67
CA VAL E 70 26.36 26.70 -7.18
C VAL E 70 27.51 25.70 -7.03
N ARG E 71 28.75 26.16 -7.18
CA ARG E 71 29.89 25.27 -7.03
C ARG E 71 30.00 24.82 -5.56
N GLU E 72 29.70 25.72 -4.64
CA GLU E 72 29.74 25.38 -3.21
C GLU E 72 28.62 24.37 -2.91
N MET E 73 27.48 24.53 -3.57
CA MET E 73 26.35 23.64 -3.39
C MET E 73 26.64 22.20 -3.83
N ALA E 74 27.43 22.06 -4.89
CA ALA E 74 27.80 20.73 -5.39
C ALA E 74 28.78 20.07 -4.42
N LYS E 75 29.68 20.86 -3.87
CA LYS E 75 30.66 20.36 -2.94
C LYS E 75 29.93 19.83 -1.71
N ILE E 76 28.94 20.60 -1.24
CA ILE E 76 28.15 20.20 -0.08
C ILE E 76 27.36 18.92 -0.36
N GLY E 77 26.86 18.78 -1.59
CA GLY E 77 26.13 17.59 -1.95
C GLY E 77 27.01 16.37 -1.81
N PHE E 78 28.26 16.50 -2.24
CA PHE E 78 29.19 15.39 -2.15
C PHE E 78 29.59 15.11 -0.70
N GLU E 79 29.71 16.17 0.12
CA GLU E 79 30.09 15.98 1.52
C GLU E 79 28.97 15.30 2.30
N MET E 80 27.73 15.52 1.88
CA MET E 80 26.59 14.90 2.56
C MET E 80 26.50 13.42 2.18
N ARG E 81 27.07 13.05 1.04
CA ARG E 81 27.05 11.67 0.61
C ARG E 81 28.32 10.96 1.06
N GLY E 82 29.34 11.74 1.43
CA GLY E 82 30.61 11.17 1.86
C GLY E 82 31.37 10.62 0.67
N TRP E 83 31.16 11.22 -0.49
CA TRP E 83 31.83 10.79 -1.71
C TRP E 83 33.06 11.63 -2.00
N GLU E 84 34.07 11.00 -2.60
CA GLU E 84 35.30 11.70 -2.95
C GLU E 84 35.04 12.47 -4.24
N LEU E 85 35.29 13.78 -4.19
CA LEU E 85 35.07 14.63 -5.35
C LEU E 85 36.28 14.68 -6.29
N ASP E 86 36.03 14.50 -7.57
CA ASP E 86 37.10 14.57 -8.58
C ASP E 86 37.21 16.02 -9.02
N ARG E 87 36.09 16.57 -9.52
CA ARG E 87 36.06 17.97 -9.94
C ARG E 87 34.64 18.48 -10.11
N ILE E 88 34.51 19.78 -10.32
CA ILE E 88 33.21 20.40 -10.54
C ILE E 88 33.25 21.30 -11.77
N GLU E 89 32.32 21.06 -12.69
CA GLU E 89 32.18 21.85 -13.91
C GLU E 89 31.02 22.78 -13.63
N SER E 90 31.19 24.06 -13.95
CA SER E 90 30.12 25.00 -13.70
C SER E 90 30.00 26.02 -14.83
N ILE E 91 28.85 26.66 -14.88
CA ILE E 91 28.56 27.67 -15.89
C ILE E 91 27.56 28.64 -15.29
N ALA E 92 27.71 29.91 -15.60
CA ALA E 92 26.80 30.93 -15.10
C ALA E 92 26.55 31.97 -16.17
N VAL E 93 25.50 32.77 -15.99
CA VAL E 93 25.15 33.81 -16.93
C VAL E 93 24.42 34.88 -16.13
N GLU E 94 24.59 36.14 -16.50
CA GLU E 94 23.88 37.19 -15.79
C GLU E 94 23.24 38.08 -16.82
N HIS E 95 22.10 38.64 -16.48
CA HIS E 95 21.35 39.50 -17.39
C HIS E 95 20.91 40.77 -16.67
N THR E 96 21.12 41.92 -17.31
CA THR E 96 20.69 43.18 -16.74
C THR E 96 19.36 43.50 -17.39
N VAL E 97 18.29 43.41 -16.61
CA VAL E 97 16.93 43.64 -17.09
C VAL E 97 16.70 45.01 -17.71
N GLU E 98 16.03 45.01 -18.87
CA GLU E 98 15.68 46.25 -19.56
C GLU E 98 14.23 46.49 -19.15
N LYS E 99 13.36 45.57 -19.55
CA LYS E 99 11.94 45.66 -19.21
C LYS E 99 11.49 44.35 -18.58
N LEU E 100 11.86 43.24 -19.20
CA LEU E 100 11.51 41.92 -18.71
C LEU E 100 12.53 40.91 -19.24
N GLY E 101 13.38 40.41 -18.36
CA GLY E 101 14.39 39.46 -18.80
C GLY E 101 14.41 38.18 -18.01
N CYS E 102 15.12 37.19 -18.55
CA CYS E 102 15.24 35.90 -17.91
C CYS E 102 16.66 35.40 -18.02
N ALA E 103 17.19 34.90 -16.90
CA ALA E 103 18.53 34.32 -16.85
C ALA E 103 18.30 32.83 -16.72
N PHE E 104 19.01 32.03 -17.51
CA PHE E 104 18.80 30.58 -17.51
C PHE E 104 20.10 29.75 -17.58
N ALA E 105 20.17 28.69 -16.77
CA ALA E 105 21.34 27.82 -16.78
C ALA E 105 20.85 26.37 -16.73
N ALA E 106 21.54 25.47 -17.42
CA ALA E 106 21.08 24.09 -17.44
C ALA E 106 22.14 23.04 -17.74
N ALA E 107 21.83 21.82 -17.32
CA ALA E 107 22.68 20.65 -17.55
C ALA E 107 21.75 19.75 -18.35
N ALA E 108 21.94 19.73 -19.66
CA ALA E 108 21.09 18.92 -20.52
C ALA E 108 21.69 17.53 -20.68
N LEU E 109 20.90 16.51 -20.35
CA LEU E 109 21.36 15.15 -20.47
C LEU E 109 21.00 14.65 -21.86
N TRP E 110 21.90 13.89 -22.48
CA TRP E 110 21.60 13.38 -23.80
C TRP E 110 22.24 12.02 -24.01
N TYR E 111 22.31 11.58 -25.26
CA TYR E 111 22.85 10.27 -25.56
C TYR E 111 23.96 10.32 -26.59
N LYS E 112 24.83 9.32 -26.52
CA LYS E 112 25.98 9.22 -27.41
C LYS E 112 26.35 7.74 -27.53
N LEU F 15 -18.48 -3.43 20.68
CA LEU F 15 -18.55 -4.16 19.38
C LEU F 15 -18.06 -3.33 18.20
N PRO F 16 -17.43 -3.99 17.21
CA PRO F 16 -16.93 -3.26 16.04
C PRO F 16 -18.10 -2.58 15.34
N ASN F 17 -17.85 -1.45 14.69
CA ASN F 17 -18.92 -0.75 14.00
C ASN F 17 -18.62 -0.46 12.52
N THR F 18 -17.54 -1.02 12.01
CA THR F 18 -17.22 -0.87 10.58
C THR F 18 -16.71 -2.20 10.08
N VAL F 19 -16.89 -2.46 8.80
CA VAL F 19 -16.40 -3.67 8.16
C VAL F 19 -15.79 -3.22 6.84
N SER F 20 -14.61 -3.76 6.52
CA SER F 20 -13.92 -3.41 5.28
C SER F 20 -13.57 -4.69 4.53
N LEU F 21 -13.92 -4.74 3.25
CA LEU F 21 -13.63 -5.92 2.44
C LEU F 21 -12.31 -5.71 1.72
N VAL F 22 -11.35 -6.59 1.98
CA VAL F 22 -10.05 -6.48 1.32
C VAL F 22 -9.67 -7.82 0.69
N ALA F 23 -8.75 -7.79 -0.26
CA ALA F 23 -8.33 -9.01 -0.92
C ALA F 23 -6.96 -8.79 -1.52
N GLY F 24 -6.20 -9.88 -1.63
CA GLY F 24 -4.87 -9.78 -2.19
C GLY F 24 -4.32 -11.15 -2.52
N SER F 25 -3.21 -11.18 -3.24
CA SER F 25 -2.58 -12.45 -3.60
C SER F 25 -1.08 -12.20 -3.63
N SER F 26 -0.32 -13.28 -3.59
CA SER F 26 1.12 -13.15 -3.63
C SER F 26 1.80 -14.49 -3.76
N GLU F 27 3.01 -14.47 -4.27
CA GLU F 27 3.80 -15.68 -4.37
C GLU F 27 4.54 -15.70 -3.04
N GLY F 28 5.25 -16.78 -2.76
CA GLY F 28 6.00 -16.89 -1.52
C GLY F 28 6.84 -18.14 -1.59
N GLU F 29 7.95 -18.18 -0.85
CA GLU F 29 8.81 -19.35 -0.86
C GLU F 29 8.20 -20.50 -0.05
N THR F 30 7.43 -20.14 0.98
CA THR F 30 6.78 -21.14 1.82
C THR F 30 5.31 -20.75 1.89
N PRO F 31 4.43 -21.72 2.19
CA PRO F 31 3.00 -21.40 2.27
C PRO F 31 2.72 -20.21 3.18
N LEU F 32 3.38 -20.15 4.33
CA LEU F 32 3.18 -19.06 5.27
C LEU F 32 3.65 -17.70 4.74
N ASN F 33 4.77 -17.68 4.02
CA ASN F 33 5.29 -16.44 3.45
C ASN F 33 4.37 -15.95 2.31
N ALA F 34 3.76 -16.90 1.60
CA ALA F 34 2.84 -16.56 0.53
C ALA F 34 1.59 -15.94 1.18
N PHE F 35 1.12 -16.57 2.24
CA PHE F 35 -0.05 -16.09 2.97
C PHE F 35 0.29 -14.68 3.50
N ASP F 36 1.46 -14.54 4.14
CA ASP F 36 1.88 -13.24 4.66
C ASP F 36 1.94 -12.22 3.53
N GLY F 37 2.42 -12.66 2.36
CA GLY F 37 2.53 -11.75 1.23
C GLY F 37 1.19 -11.30 0.69
N ALA F 38 0.19 -12.18 0.78
CA ALA F 38 -1.14 -11.88 0.30
C ALA F 38 -1.80 -10.86 1.24
N LEU F 39 -1.58 -11.01 2.55
CA LEU F 39 -2.16 -10.07 3.50
C LEU F 39 -1.60 -8.68 3.22
N LEU F 40 -0.29 -8.59 3.02
CA LEU F 40 0.35 -7.32 2.72
C LEU F 40 -0.25 -6.73 1.46
N ASN F 41 -0.37 -7.56 0.43
CA ASN F 41 -0.94 -7.12 -0.83
C ASN F 41 -2.37 -6.61 -0.69
N ALA F 42 -3.13 -7.19 0.24
CA ALA F 42 -4.51 -6.78 0.49
C ALA F 42 -4.62 -5.49 1.30
N GLY F 43 -3.54 -5.12 1.98
CA GLY F 43 -3.53 -3.91 2.76
C GLY F 43 -3.58 -4.10 4.27
N ILE F 44 -3.44 -5.35 4.74
CA ILE F 44 -3.48 -5.62 6.17
C ILE F 44 -2.33 -6.49 6.61
N GLY F 45 -1.16 -6.25 6.03
CA GLY F 45 -0.01 -7.06 6.38
C GLY F 45 0.61 -6.66 7.71
N ASN F 46 0.29 -5.46 8.20
CA ASN F 46 0.89 -5.02 9.45
C ASN F 46 -0.01 -5.01 10.69
N VAL F 47 -0.91 -5.99 10.74
CA VAL F 47 -1.82 -6.17 11.86
C VAL F 47 -1.94 -7.67 12.11
N ALA F 48 -2.33 -8.03 13.33
CA ALA F 48 -2.51 -9.43 13.69
C ALA F 48 -3.98 -9.73 13.50
N LEU F 49 -4.28 -10.83 12.82
CA LEU F 49 -5.67 -11.20 12.59
C LEU F 49 -6.23 -12.16 13.61
N ILE F 50 -7.41 -11.84 14.11
CA ILE F 50 -8.12 -12.71 15.04
C ILE F 50 -9.23 -13.25 14.17
N ARG F 51 -9.07 -14.49 13.71
CA ARG F 51 -10.09 -15.08 12.86
C ARG F 51 -11.38 -15.28 13.64
N ILE F 52 -12.48 -14.83 13.05
CA ILE F 52 -13.79 -14.95 13.67
C ILE F 52 -14.71 -15.68 12.71
N SER F 53 -15.84 -16.11 13.25
CA SER F 53 -16.86 -16.76 12.45
C SER F 53 -17.42 -15.58 11.65
N SER F 54 -18.19 -15.87 10.61
CA SER F 54 -18.70 -14.83 9.74
C SER F 54 -19.95 -14.03 10.14
N ILE F 55 -19.85 -13.25 11.19
CA ILE F 55 -20.98 -12.44 11.65
C ILE F 55 -20.48 -11.05 12.03
N MET F 56 -21.18 -10.01 11.59
CA MET F 56 -20.81 -8.64 11.94
C MET F 56 -21.97 -8.00 12.70
N PRO F 57 -21.67 -7.03 13.58
CA PRO F 57 -22.68 -6.33 14.38
C PRO F 57 -23.77 -5.61 13.59
N PRO F 58 -24.95 -5.43 14.20
CA PRO F 58 -26.04 -4.74 13.52
C PRO F 58 -25.56 -3.34 13.15
N GLU F 59 -25.90 -2.90 11.95
CA GLU F 59 -25.54 -1.59 11.44
C GLU F 59 -24.07 -1.26 11.29
N ALA F 60 -23.20 -2.28 11.23
CA ALA F 60 -21.78 -2.02 11.04
C ALA F 60 -21.71 -1.37 9.65
N GLU F 61 -20.93 -0.31 9.54
CA GLU F 61 -20.80 0.41 8.28
C GLU F 61 -19.72 -0.21 7.41
N ILE F 62 -20.05 -0.45 6.14
CA ILE F 62 -19.06 -0.98 5.21
C ILE F 62 -18.28 0.24 4.75
N VAL F 63 -17.00 0.27 5.08
CA VAL F 63 -16.15 1.40 4.74
C VAL F 63 -14.82 0.97 4.14
N PRO F 64 -14.10 1.93 3.52
CA PRO F 64 -12.81 1.58 2.92
C PRO F 64 -11.89 1.25 4.11
N LEU F 65 -10.96 0.33 3.93
CA LEU F 65 -10.06 -0.04 5.00
C LEU F 65 -9.50 1.22 5.68
N PRO F 66 -9.65 1.31 7.02
CA PRO F 66 -9.12 2.50 7.70
C PRO F 66 -7.63 2.37 7.95
N LYS F 67 -7.01 3.45 8.45
CA LYS F 67 -5.59 3.37 8.76
C LYS F 67 -5.49 2.72 10.14
N LEU F 68 -5.17 1.43 10.13
CA LEU F 68 -5.08 0.66 11.37
C LEU F 68 -3.75 0.86 12.09
N PRO F 69 -3.77 0.85 13.43
CA PRO F 69 -2.54 1.02 14.19
C PRO F 69 -1.61 -0.16 13.89
N MET F 70 -0.31 0.08 13.86
CA MET F 70 0.67 -0.96 13.60
C MET F 70 0.56 -2.06 14.67
N GLY F 71 0.43 -3.30 14.22
CA GLY F 71 0.35 -4.40 15.17
C GLY F 71 -0.99 -4.60 15.84
N ALA F 72 -2.02 -3.92 15.38
CA ALA F 72 -3.34 -4.07 15.99
C ALA F 72 -3.90 -5.48 15.82
N LEU F 73 -4.74 -5.90 16.76
CA LEU F 73 -5.40 -7.20 16.74
C LEU F 73 -6.79 -6.94 16.17
N VAL F 74 -6.98 -7.34 14.91
CA VAL F 74 -8.22 -7.10 14.18
C VAL F 74 -9.11 -8.33 14.00
N PRO F 75 -10.35 -8.28 14.55
CA PRO F 75 -11.28 -9.41 14.42
C PRO F 75 -11.55 -9.48 12.93
N THR F 76 -11.23 -10.61 12.30
CA THR F 76 -11.40 -10.70 10.85
C THR F 76 -11.95 -12.04 10.37
N ALA F 77 -12.95 -11.99 9.49
CA ALA F 77 -13.47 -13.21 8.92
C ALA F 77 -12.74 -13.28 7.58
N TYR F 78 -12.15 -14.41 7.26
CA TYR F 78 -11.42 -14.50 6.01
C TYR F 78 -11.29 -15.91 5.46
N GLY F 79 -10.89 -15.97 4.21
CA GLY F 79 -10.70 -17.25 3.55
C GLY F 79 -9.49 -17.08 2.66
N TYR F 80 -8.76 -18.18 2.44
CA TYR F 80 -7.59 -18.11 1.60
C TYR F 80 -7.36 -19.50 1.03
N ILE F 81 -6.47 -19.57 0.05
CA ILE F 81 -6.12 -20.83 -0.57
C ILE F 81 -4.71 -20.69 -1.07
N ILE F 82 -3.92 -21.75 -0.88
CA ILE F 82 -2.53 -21.76 -1.31
C ILE F 82 -2.32 -22.89 -2.31
N SER F 83 -1.56 -22.59 -3.36
CA SER F 83 -1.28 -23.60 -4.37
C SER F 83 0.15 -23.50 -4.88
N ASP F 84 0.79 -24.64 -5.06
CA ASP F 84 2.16 -24.68 -5.56
C ASP F 84 2.18 -25.27 -6.97
N VAL F 85 0.99 -25.39 -7.56
CA VAL F 85 0.84 -25.92 -8.91
C VAL F 85 0.96 -24.78 -9.91
N PRO F 86 2.11 -24.68 -10.59
CA PRO F 86 2.29 -23.60 -11.57
C PRO F 86 1.19 -23.50 -12.61
N GLY F 87 0.95 -22.29 -13.10
CA GLY F 87 -0.07 -22.07 -14.10
C GLY F 87 -1.50 -22.22 -13.62
N GLU F 88 -1.67 -22.60 -12.36
CA GLU F 88 -3.01 -22.78 -11.82
C GLU F 88 -3.61 -21.47 -11.29
N THR F 89 -4.91 -21.29 -11.53
CA THR F 89 -5.61 -20.09 -11.10
C THR F 89 -6.42 -20.36 -9.83
N ILE F 90 -6.08 -19.62 -8.77
CA ILE F 90 -6.78 -19.77 -7.50
C ILE F 90 -7.46 -18.45 -7.19
N SER F 91 -8.54 -18.51 -6.42
CA SER F 91 -9.29 -17.32 -6.08
C SER F 91 -9.89 -17.36 -4.69
N ALA F 92 -10.15 -16.17 -4.16
CA ALA F 92 -10.74 -16.04 -2.84
C ALA F 92 -11.72 -14.89 -2.95
N ALA F 93 -12.89 -15.04 -2.35
CA ALA F 93 -13.90 -14.00 -2.39
C ALA F 93 -14.54 -13.88 -1.04
N ILE F 94 -15.06 -12.69 -0.77
CA ILE F 94 -15.71 -12.42 0.50
C ILE F 94 -16.97 -11.62 0.22
N SER F 95 -18.04 -11.89 0.96
CA SER F 95 -19.27 -11.15 0.77
C SER F 95 -19.83 -10.74 2.13
N VAL F 96 -20.52 -9.61 2.14
CA VAL F 96 -21.15 -9.10 3.34
C VAL F 96 -22.61 -8.82 3.01
N ALA F 97 -23.52 -9.42 3.77
CA ALA F 97 -24.95 -9.27 3.56
C ALA F 97 -25.56 -8.46 4.70
N ILE F 98 -26.22 -7.36 4.35
CA ILE F 98 -26.82 -6.50 5.36
C ILE F 98 -28.34 -6.69 5.44
N PRO F 99 -28.88 -6.84 6.66
CA PRO F 99 -30.30 -7.04 6.91
C PRO F 99 -31.13 -5.76 6.83
N LYS F 100 -32.40 -5.89 6.43
CA LYS F 100 -33.30 -4.75 6.35
C LYS F 100 -33.52 -4.27 7.77
N ASP F 101 -33.87 -5.21 8.64
CA ASP F 101 -34.09 -4.92 10.04
C ASP F 101 -32.73 -4.54 10.62
N LYS F 102 -32.56 -3.26 10.95
CA LYS F 102 -31.30 -2.76 11.46
C LYS F 102 -30.86 -3.34 12.80
N SER F 103 -31.78 -4.04 13.48
CA SER F 103 -31.44 -4.62 14.78
C SER F 103 -30.74 -5.98 14.62
N LEU F 104 -30.82 -6.55 13.42
CA LEU F 104 -30.20 -7.84 13.13
C LEU F 104 -28.75 -7.66 12.67
N CYS F 105 -27.92 -8.66 12.95
CA CYS F 105 -26.52 -8.62 12.56
C CYS F 105 -26.33 -8.84 11.07
N GLY F 106 -25.13 -8.52 10.59
CA GLY F 106 -24.83 -8.71 9.18
C GLY F 106 -24.19 -10.08 9.01
N LEU F 107 -24.25 -10.62 7.80
CA LEU F 107 -23.69 -11.95 7.56
C LEU F 107 -22.53 -11.90 6.60
N ILE F 108 -21.43 -12.55 6.97
CA ILE F 108 -20.26 -12.59 6.11
C ILE F 108 -20.01 -14.01 5.62
N MET F 109 -19.63 -14.13 4.36
CA MET F 109 -19.35 -15.43 3.78
C MET F 109 -18.02 -15.34 3.07
N GLU F 110 -17.24 -16.40 3.14
CA GLU F 110 -15.95 -16.41 2.48
C GLU F 110 -15.91 -17.64 1.57
N TYR F 111 -15.19 -17.52 0.46
CA TYR F 111 -15.09 -18.62 -0.47
C TYR F 111 -13.75 -18.59 -1.18
N GLU F 112 -13.16 -19.77 -1.36
CA GLU F 112 -11.90 -19.89 -2.07
C GLU F 112 -11.91 -21.21 -2.80
N GLY F 113 -11.25 -21.25 -3.95
CA GLY F 113 -11.19 -22.47 -4.71
C GLY F 113 -10.38 -22.28 -5.97
N LYS F 114 -10.22 -23.36 -6.73
CA LYS F 114 -9.46 -23.30 -7.97
C LYS F 114 -10.41 -22.91 -9.11
N CYS F 115 -10.76 -21.63 -9.15
CA CYS F 115 -11.66 -21.09 -10.17
C CYS F 115 -11.32 -19.62 -10.41
N SER F 116 -12.14 -18.95 -11.21
CA SER F 116 -11.91 -17.54 -11.54
C SER F 116 -12.50 -16.57 -10.53
N LYS F 117 -12.03 -15.33 -10.58
CA LYS F 117 -12.50 -14.28 -9.69
C LYS F 117 -14.00 -14.11 -9.82
N LYS F 118 -14.48 -14.14 -11.07
CA LYS F 118 -15.89 -13.97 -11.36
C LYS F 118 -16.73 -15.09 -10.75
N GLU F 119 -16.23 -16.32 -10.84
CA GLU F 119 -16.95 -17.47 -10.28
C GLU F 119 -16.93 -17.48 -8.75
N ALA F 120 -15.79 -17.12 -8.18
CA ALA F 120 -15.66 -17.07 -6.73
C ALA F 120 -16.62 -16.05 -6.13
N GLU F 121 -16.74 -14.88 -6.77
CA GLU F 121 -17.62 -13.84 -6.28
C GLU F 121 -19.09 -14.22 -6.44
N LYS F 122 -19.43 -14.87 -7.55
CA LYS F 122 -20.81 -15.29 -7.77
C LYS F 122 -21.17 -16.30 -6.68
N THR F 123 -20.25 -17.21 -6.40
CA THR F 123 -20.48 -18.23 -5.38
C THR F 123 -20.62 -17.62 -3.98
N VAL F 124 -19.67 -16.79 -3.60
CA VAL F 124 -19.71 -16.18 -2.28
C VAL F 124 -20.98 -15.37 -2.07
N ARG F 125 -21.48 -14.75 -3.13
CA ARG F 125 -22.70 -13.95 -3.04
C ARG F 125 -23.93 -14.84 -2.86
N GLU F 126 -23.93 -16.02 -3.48
CA GLU F 126 -25.07 -16.92 -3.34
C GLU F 126 -25.09 -17.50 -1.92
N MET F 127 -23.89 -17.69 -1.36
CA MET F 127 -23.77 -18.23 -0.01
C MET F 127 -24.37 -17.26 0.99
N ALA F 128 -24.16 -15.96 0.77
CA ALA F 128 -24.70 -14.95 1.67
C ALA F 128 -26.22 -14.95 1.60
N LYS F 129 -26.75 -15.11 0.38
CA LYS F 129 -28.20 -15.14 0.19
C LYS F 129 -28.78 -16.32 0.97
N ILE F 130 -28.19 -17.50 0.77
CA ILE F 130 -28.65 -18.70 1.46
C ILE F 130 -28.61 -18.48 2.96
N GLY F 131 -27.59 -17.75 3.41
CA GLY F 131 -27.47 -17.48 4.83
C GLY F 131 -28.68 -16.74 5.37
N PHE F 132 -29.20 -15.82 4.57
CA PHE F 132 -30.36 -15.04 4.96
C PHE F 132 -31.66 -15.84 4.92
N GLU F 133 -31.72 -16.83 4.04
CA GLU F 133 -32.91 -17.65 3.95
C GLU F 133 -33.02 -18.56 5.17
N MET F 134 -31.92 -19.19 5.53
CA MET F 134 -31.90 -20.08 6.68
C MET F 134 -32.34 -19.35 7.95
N ARG F 135 -32.13 -18.04 7.98
CA ARG F 135 -32.54 -17.23 9.13
C ARG F 135 -33.93 -16.68 8.89
N GLY F 136 -34.31 -16.58 7.62
CA GLY F 136 -35.61 -16.05 7.26
C GLY F 136 -35.63 -14.54 7.43
N TRP F 137 -34.49 -13.91 7.20
CA TRP F 137 -34.36 -12.47 7.32
C TRP F 137 -34.51 -11.76 5.99
N GLU F 138 -35.03 -10.54 6.01
CA GLU F 138 -35.18 -9.79 4.77
C GLU F 138 -33.82 -9.17 4.45
N LEU F 139 -33.41 -9.32 3.20
CA LEU F 139 -32.12 -8.83 2.72
C LEU F 139 -32.14 -7.38 2.23
N ASP F 140 -31.20 -6.58 2.73
CA ASP F 140 -31.08 -5.18 2.33
C ASP F 140 -30.23 -5.11 1.07
N ARG F 141 -29.07 -5.74 1.13
CA ARG F 141 -28.15 -5.78 -0.01
C ARG F 141 -26.91 -6.62 0.31
N ILE F 142 -26.20 -7.03 -0.73
CA ILE F 142 -24.99 -7.82 -0.57
C ILE F 142 -23.84 -7.13 -1.27
N GLU F 143 -22.74 -6.96 -0.57
CA GLU F 143 -21.56 -6.33 -1.15
C GLU F 143 -20.48 -7.41 -1.18
N SER F 144 -19.65 -7.40 -2.22
CA SER F 144 -18.62 -8.43 -2.32
C SER F 144 -17.36 -7.98 -3.05
N ILE F 145 -16.32 -8.80 -2.90
CA ILE F 145 -15.05 -8.54 -3.52
C ILE F 145 -14.36 -9.88 -3.72
N ALA F 146 -13.53 -9.98 -4.76
CA ALA F 146 -12.83 -11.21 -5.04
C ALA F 146 -11.49 -10.94 -5.68
N VAL F 147 -10.59 -11.92 -5.59
CA VAL F 147 -9.28 -11.80 -6.20
C VAL F 147 -8.89 -13.18 -6.74
N GLU F 148 -8.06 -13.19 -7.78
CA GLU F 148 -7.61 -14.44 -8.35
C GLU F 148 -6.11 -14.32 -8.49
N HIS F 149 -5.43 -15.46 -8.56
CA HIS F 149 -3.98 -15.47 -8.67
C HIS F 149 -3.53 -16.68 -9.49
N THR F 150 -2.64 -16.44 -10.44
CA THR F 150 -2.11 -17.52 -11.27
C THR F 150 -0.77 -17.95 -10.69
N VAL F 151 -0.78 -19.11 -10.05
CA VAL F 151 0.41 -19.67 -9.40
C VAL F 151 1.61 -19.83 -10.33
N GLU F 152 2.71 -19.18 -9.98
CA GLU F 152 3.94 -19.29 -10.77
C GLU F 152 4.67 -20.50 -10.20
N LYS F 153 4.87 -20.50 -8.89
CA LYS F 153 5.54 -21.59 -8.21
C LYS F 153 4.76 -21.94 -6.94
N LEU F 154 4.47 -20.92 -6.14
CA LEU F 154 3.73 -21.09 -4.90
C LEU F 154 3.03 -19.76 -4.61
N GLY F 155 1.70 -19.77 -4.66
CA GLY F 155 0.97 -18.55 -4.42
C GLY F 155 -0.24 -18.71 -3.52
N CYS F 156 -0.77 -17.59 -3.07
CA CYS F 156 -1.92 -17.61 -2.18
C CYS F 156 -2.92 -16.52 -2.58
N ALA F 157 -4.20 -16.84 -2.51
CA ALA F 157 -5.28 -15.90 -2.80
C ALA F 157 -5.96 -15.71 -1.45
N PHE F 158 -6.23 -14.46 -1.08
CA PHE F 158 -6.83 -14.14 0.21
C PHE F 158 -7.90 -13.05 0.13
N ALA F 159 -9.02 -13.25 0.82
CA ALA F 159 -10.10 -12.27 0.84
C ALA F 159 -10.54 -12.15 2.28
N ALA F 160 -10.90 -10.94 2.72
CA ALA F 160 -11.30 -10.77 4.10
C ALA F 160 -12.27 -9.63 4.37
N ALA F 161 -12.92 -9.73 5.53
CA ALA F 161 -13.85 -8.71 6.00
C ALA F 161 -13.25 -8.36 7.35
N ALA F 162 -12.58 -7.21 7.41
CA ALA F 162 -11.94 -6.76 8.65
C ALA F 162 -12.89 -5.87 9.44
N LEU F 163 -13.16 -6.25 10.68
CA LEU F 163 -14.05 -5.49 11.55
C LEU F 163 -13.21 -4.52 12.35
N TRP F 164 -13.68 -3.29 12.47
CA TRP F 164 -12.95 -2.29 13.24
C TRP F 164 -13.89 -1.26 13.85
N TYR F 165 -13.34 -0.12 14.24
CA TYR F 165 -14.10 0.93 14.90
C TYR F 165 -13.96 2.29 14.22
N LYS F 166 -15.05 3.07 14.26
CA LYS F 166 -15.07 4.40 13.66
C LYS F 166 -14.87 5.41 14.78
N LEU G 15 -2.77 -2.54 23.34
CA LEU G 15 -2.16 -3.68 22.59
C LEU G 15 -1.12 -4.39 23.46
N PRO G 16 -0.87 -5.68 23.20
CA PRO G 16 0.13 -6.39 23.99
C PRO G 16 1.48 -5.69 23.82
N ASN G 17 2.28 -5.66 24.88
CA ASN G 17 3.59 -5.04 24.81
C ASN G 17 4.74 -5.99 25.14
N THR G 18 4.44 -7.28 25.25
CA THR G 18 5.48 -8.28 25.49
C THR G 18 5.18 -9.51 24.64
N VAL G 19 6.21 -10.28 24.34
CA VAL G 19 6.07 -11.51 23.57
C VAL G 19 6.94 -12.56 24.24
N SER G 20 6.45 -13.79 24.30
CA SER G 20 7.18 -14.87 24.93
C SER G 20 7.21 -16.13 24.06
N LEU G 21 8.42 -16.62 23.79
CA LEU G 21 8.58 -17.82 22.97
C LEU G 21 8.60 -19.07 23.85
N VAL G 22 7.69 -20.01 23.57
CA VAL G 22 7.63 -21.26 24.32
C VAL G 22 7.50 -22.42 23.35
N ALA G 23 7.88 -23.61 23.79
CA ALA G 23 7.80 -24.81 22.95
C ALA G 23 7.63 -26.02 23.86
N GLY G 24 7.08 -27.09 23.31
CA GLY G 24 6.90 -28.28 24.11
C GLY G 24 6.43 -29.45 23.29
N SER G 25 6.45 -30.63 23.88
CA SER G 25 6.00 -31.82 23.19
C SER G 25 5.38 -32.74 24.23
N SER G 26 4.66 -33.75 23.77
CA SER G 26 4.00 -34.66 24.68
C SER G 26 3.29 -35.76 23.91
N GLU G 27 3.16 -36.91 24.56
CA GLU G 27 2.44 -38.03 23.96
C GLU G 27 1.02 -37.82 24.46
N GLY G 28 0.09 -38.61 23.96
CA GLY G 28 -1.29 -38.49 24.37
C GLY G 28 -2.12 -39.62 23.80
N GLU G 29 -3.16 -40.02 24.53
CA GLU G 29 -4.02 -41.09 24.09
C GLU G 29 -4.89 -40.65 22.92
N THR G 30 -4.96 -39.35 22.68
CA THR G 30 -5.71 -38.79 21.56
C THR G 30 -5.00 -37.55 21.06
N PRO G 31 -5.22 -37.16 19.80
CA PRO G 31 -4.57 -35.97 19.24
C PRO G 31 -4.73 -34.74 20.12
N LEU G 32 -5.95 -34.47 20.58
CA LEU G 32 -6.20 -33.30 21.42
C LEU G 32 -5.50 -33.39 22.77
N ASN G 33 -5.47 -34.60 23.35
CA ASN G 33 -4.82 -34.78 24.64
C ASN G 33 -3.31 -34.58 24.53
N ALA G 34 -2.75 -34.97 23.38
CA ALA G 34 -1.32 -34.80 23.13
C ALA G 34 -1.04 -33.31 23.02
N PHE G 35 -1.86 -32.63 22.22
CA PHE G 35 -1.76 -31.18 22.02
C PHE G 35 -1.83 -30.52 23.40
N ASP G 36 -2.80 -30.94 24.21
CA ASP G 36 -2.97 -30.39 25.54
C ASP G 36 -1.72 -30.66 26.37
N GLY G 37 -1.13 -31.83 26.17
CA GLY G 37 0.07 -32.16 26.90
C GLY G 37 1.22 -31.28 26.45
N ALA G 38 1.35 -31.09 25.15
CA ALA G 38 2.42 -30.27 24.60
C ALA G 38 2.35 -28.84 25.13
N LEU G 39 1.14 -28.27 25.16
CA LEU G 39 0.96 -26.92 25.68
C LEU G 39 1.40 -26.89 27.14
N LEU G 40 0.93 -27.86 27.92
CA LEU G 40 1.30 -27.95 29.34
C LEU G 40 2.81 -27.99 29.46
N ASN G 41 3.44 -28.89 28.70
CA ASN G 41 4.89 -29.03 28.71
C ASN G 41 5.54 -27.71 28.38
N ALA G 42 4.86 -26.90 27.56
CA ALA G 42 5.37 -25.60 27.14
C ALA G 42 5.16 -24.53 28.20
N GLY G 43 4.21 -24.77 29.11
CA GLY G 43 3.95 -23.80 30.16
C GLY G 43 2.69 -22.96 29.98
N ILE G 44 1.97 -23.17 28.87
CA ILE G 44 0.75 -22.41 28.62
C ILE G 44 -0.45 -23.33 28.45
N GLY G 45 -0.46 -24.43 29.19
CA GLY G 45 -1.55 -25.38 29.10
C GLY G 45 -2.77 -25.05 29.93
N ASN G 46 -2.64 -24.10 30.85
CA ASN G 46 -3.75 -23.71 31.70
C ASN G 46 -4.33 -22.33 31.37
N VAL G 47 -4.21 -21.93 30.11
CA VAL G 47 -4.76 -20.66 29.63
C VAL G 47 -5.45 -20.95 28.30
N ALA G 48 -6.37 -20.07 27.91
CA ALA G 48 -7.08 -20.25 26.66
C ALA G 48 -6.35 -19.45 25.59
N LEU G 49 -5.89 -20.12 24.55
CA LEU G 49 -5.16 -19.46 23.48
C LEU G 49 -6.07 -18.94 22.39
N ILE G 50 -5.84 -17.70 21.98
CA ILE G 50 -6.59 -17.11 20.89
C ILE G 50 -5.52 -16.99 19.80
N ARG G 51 -5.63 -17.83 18.79
CA ARG G 51 -4.66 -17.85 17.71
C ARG G 51 -4.72 -16.60 16.84
N ILE G 52 -3.56 -16.07 16.50
CA ILE G 52 -3.46 -14.86 15.69
C ILE G 52 -2.49 -15.07 14.53
N SER G 53 -2.45 -14.09 13.62
CA SER G 53 -1.54 -14.13 12.48
C SER G 53 -0.14 -13.71 12.95
N SER G 54 0.80 -13.57 12.02
CA SER G 54 2.19 -13.27 12.35
C SER G 54 2.66 -11.89 12.85
N ILE G 55 1.80 -10.90 12.95
CA ILE G 55 2.24 -9.57 13.40
C ILE G 55 2.29 -9.34 14.91
N MET G 56 3.34 -8.65 15.34
CA MET G 56 3.59 -8.32 16.75
C MET G 56 3.72 -6.79 16.91
N PRO G 57 3.02 -6.20 17.89
CA PRO G 57 3.05 -4.75 18.14
C PRO G 57 4.45 -4.16 18.20
N PRO G 58 4.62 -2.91 17.75
CA PRO G 58 5.94 -2.28 17.78
C PRO G 58 6.39 -2.15 19.24
N GLU G 59 7.70 -2.28 19.47
CA GLU G 59 8.26 -2.15 20.82
C GLU G 59 8.00 -3.36 21.70
N ALA G 60 7.16 -4.29 21.24
CA ALA G 60 6.88 -5.48 22.04
C ALA G 60 8.21 -6.00 22.59
N GLU G 61 8.25 -6.18 23.90
CA GLU G 61 9.47 -6.64 24.56
C GLU G 61 9.48 -8.15 24.68
N ILE G 62 10.59 -8.77 24.30
CA ILE G 62 10.72 -10.21 24.43
C ILE G 62 11.06 -10.50 25.89
N VAL G 63 10.16 -11.20 26.57
CA VAL G 63 10.35 -11.49 27.98
C VAL G 63 10.06 -12.95 28.30
N PRO G 64 10.48 -13.42 29.48
CA PRO G 64 10.22 -14.81 29.86
C PRO G 64 8.71 -14.93 30.05
N LEU G 65 8.14 -16.09 29.74
CA LEU G 65 6.70 -16.28 29.91
C LEU G 65 6.31 -15.79 31.30
N PRO G 66 5.40 -14.81 31.38
CA PRO G 66 4.96 -14.28 32.68
C PRO G 66 3.97 -15.18 33.44
N LYS G 67 3.61 -14.75 34.64
CA LYS G 67 2.67 -15.48 35.48
C LYS G 67 1.27 -15.21 34.92
N LEU G 68 0.79 -16.10 34.08
CA LEU G 68 -0.52 -15.96 33.46
C LEU G 68 -1.65 -16.47 34.34
N PRO G 69 -2.72 -15.67 34.49
CA PRO G 69 -3.87 -16.07 35.30
C PRO G 69 -4.53 -17.31 34.70
N MET G 70 -5.04 -18.18 35.56
CA MET G 70 -5.72 -19.39 35.09
C MET G 70 -6.88 -18.97 34.20
N GLY G 71 -7.06 -19.67 33.08
CA GLY G 71 -8.14 -19.35 32.19
C GLY G 71 -7.98 -18.07 31.37
N ALA G 72 -6.81 -17.45 31.43
CA ALA G 72 -6.59 -16.23 30.67
C ALA G 72 -6.73 -16.48 29.18
N LEU G 73 -7.22 -15.46 28.46
CA LEU G 73 -7.38 -15.52 27.03
C LEU G 73 -6.12 -14.85 26.49
N VAL G 74 -5.21 -15.67 25.97
CA VAL G 74 -3.93 -15.20 25.48
C VAL G 74 -3.77 -15.18 23.96
N PRO G 75 -3.56 -13.98 23.37
CA PRO G 75 -3.39 -13.85 21.91
C PRO G 75 -2.09 -14.58 21.64
N THR G 76 -2.13 -15.60 20.79
CA THR G 76 -0.94 -16.40 20.54
C THR G 76 -0.74 -16.87 19.11
N ALA G 77 0.47 -16.68 18.59
CA ALA G 77 0.79 -17.16 17.26
C ALA G 77 1.46 -18.50 17.56
N TYR G 78 1.07 -19.55 16.83
CA TYR G 78 1.68 -20.84 17.08
C TYR G 78 1.57 -21.83 15.94
N GLY G 79 2.31 -22.92 16.09
CA GLY G 79 2.33 -23.97 15.09
C GLY G 79 2.53 -25.27 15.84
N TYR G 80 1.96 -26.35 15.31
CA TYR G 80 2.09 -27.64 15.96
C TYR G 80 1.94 -28.75 14.93
N ILE G 81 2.34 -29.95 15.31
CA ILE G 81 2.24 -31.11 14.44
C ILE G 81 2.01 -32.35 15.28
N ILE G 82 1.06 -33.17 14.86
CA ILE G 82 0.73 -34.40 15.57
C ILE G 82 1.03 -35.57 14.64
N SER G 83 1.52 -36.66 15.20
CA SER G 83 1.83 -37.85 14.42
C SER G 83 1.53 -39.13 15.19
N ASP G 84 0.97 -40.12 14.49
CA ASP G 84 0.64 -41.39 15.09
C ASP G 84 1.64 -42.46 14.67
N VAL G 85 2.59 -42.07 13.82
CA VAL G 85 3.61 -42.98 13.33
C VAL G 85 4.74 -43.15 14.34
N PRO G 86 4.82 -44.34 14.97
CA PRO G 86 5.87 -44.58 15.96
C PRO G 86 7.26 -44.38 15.35
N GLY G 87 8.20 -43.90 16.15
CA GLY G 87 9.55 -43.69 15.68
C GLY G 87 9.78 -42.41 14.88
N GLU G 88 8.71 -41.87 14.30
CA GLU G 88 8.82 -40.66 13.50
C GLU G 88 9.17 -39.44 14.36
N THR G 89 10.09 -38.62 13.85
CA THR G 89 10.52 -37.42 14.56
C THR G 89 9.83 -36.20 13.97
N ILE G 90 9.17 -35.42 14.84
CA ILE G 90 8.46 -34.24 14.39
C ILE G 90 8.89 -33.02 15.21
N SER G 91 8.96 -31.87 14.54
CA SER G 91 9.37 -30.64 15.22
C SER G 91 8.48 -29.45 14.91
N ALA G 92 8.57 -28.46 15.79
CA ALA G 92 7.81 -27.22 15.65
C ALA G 92 8.77 -26.11 16.09
N ALA G 93 8.76 -24.98 15.39
CA ALA G 93 9.63 -23.87 15.75
C ALA G 93 8.94 -22.53 15.55
N ILE G 94 9.34 -21.55 16.35
CA ILE G 94 8.78 -20.20 16.30
C ILE G 94 9.91 -19.17 16.23
N SER G 95 9.77 -18.19 15.35
CA SER G 95 10.78 -17.14 15.23
C SER G 95 10.10 -15.78 15.35
N VAL G 96 10.83 -14.81 15.89
CA VAL G 96 10.31 -13.45 16.04
C VAL G 96 11.34 -12.50 15.46
N ALA G 97 10.96 -11.79 14.40
CA ALA G 97 11.86 -10.83 13.76
C ALA G 97 11.59 -9.45 14.34
N ILE G 98 12.65 -8.82 14.84
CA ILE G 98 12.58 -7.48 15.44
C ILE G 98 13.20 -6.49 14.46
N PRO G 99 12.50 -5.38 14.18
CA PRO G 99 13.02 -4.37 13.24
C PRO G 99 14.06 -3.44 13.88
N LYS G 100 14.92 -2.85 13.04
CA LYS G 100 15.91 -1.89 13.54
C LYS G 100 15.13 -0.60 13.80
N ASP G 101 14.15 -0.35 12.94
CA ASP G 101 13.28 0.82 13.03
C ASP G 101 12.24 0.43 14.09
N LYS G 102 12.31 1.04 15.27
CA LYS G 102 11.40 0.71 16.36
C LYS G 102 9.93 1.09 16.18
N SER G 103 9.63 1.89 15.16
CA SER G 103 8.24 2.27 14.92
C SER G 103 7.50 1.14 14.20
N LEU G 104 8.25 0.23 13.59
CA LEU G 104 7.66 -0.89 12.86
C LEU G 104 7.35 -2.05 13.80
N CYS G 105 6.45 -2.92 13.37
CA CYS G 105 6.11 -4.06 14.22
C CYS G 105 7.04 -5.23 13.97
N GLY G 106 6.97 -6.23 14.86
CA GLY G 106 7.78 -7.41 14.72
C GLY G 106 6.97 -8.43 13.94
N LEU G 107 7.65 -9.44 13.40
CA LEU G 107 6.98 -10.49 12.63
C LEU G 107 7.22 -11.84 13.29
N ILE G 108 6.16 -12.63 13.42
CA ILE G 108 6.28 -13.95 14.03
C ILE G 108 6.04 -15.01 12.98
N MET G 109 6.96 -15.94 12.83
CA MET G 109 6.78 -17.03 11.87
C MET G 109 6.74 -18.33 12.66
N GLU G 110 6.03 -19.30 12.11
CA GLU G 110 5.89 -20.60 12.75
C GLU G 110 6.14 -21.66 11.70
N TYR G 111 6.67 -22.80 12.13
CA TYR G 111 6.96 -23.90 11.23
C TYR G 111 6.97 -25.22 11.99
N GLU G 112 6.43 -26.25 11.37
CA GLU G 112 6.40 -27.58 11.97
C GLU G 112 6.53 -28.60 10.84
N GLY G 113 6.93 -29.82 11.19
CA GLY G 113 7.07 -30.83 10.18
C GLY G 113 7.82 -32.07 10.65
N LYS G 114 7.97 -33.02 9.74
CA LYS G 114 8.65 -34.26 10.00
C LYS G 114 10.14 -34.07 9.72
N CYS G 115 10.80 -33.37 10.63
CA CYS G 115 12.23 -33.08 10.50
C CYS G 115 12.81 -32.89 11.90
N SER G 116 14.10 -32.57 11.95
CA SER G 116 14.78 -32.37 13.23
C SER G 116 14.60 -30.97 13.79
N LYS G 117 14.89 -30.83 15.07
CA LYS G 117 14.79 -29.57 15.79
C LYS G 117 15.63 -28.47 15.12
N LYS G 118 16.78 -28.87 14.57
CA LYS G 118 17.67 -27.93 13.91
C LYS G 118 17.18 -27.50 12.53
N GLU G 119 16.53 -28.41 11.81
CA GLU G 119 16.00 -28.08 10.49
C GLU G 119 14.80 -27.15 10.64
N ALA G 120 14.01 -27.40 11.66
CA ALA G 120 12.82 -26.58 11.90
C ALA G 120 13.18 -25.14 12.26
N GLU G 121 14.11 -24.98 13.21
CA GLU G 121 14.49 -23.64 13.62
C GLU G 121 15.18 -22.90 12.48
N LYS G 122 16.01 -23.61 11.73
CA LYS G 122 16.71 -23.01 10.60
C LYS G 122 15.70 -22.48 9.59
N THR G 123 14.65 -23.26 9.36
CA THR G 123 13.61 -22.90 8.42
C THR G 123 12.73 -21.73 8.89
N VAL G 124 12.32 -21.74 10.15
CA VAL G 124 11.47 -20.69 10.67
C VAL G 124 12.19 -19.34 10.72
N ARG G 125 13.50 -19.38 10.99
CA ARG G 125 14.31 -18.16 11.03
C ARG G 125 14.38 -17.60 9.62
N GLU G 126 14.52 -18.48 8.64
CA GLU G 126 14.60 -18.07 7.25
C GLU G 126 13.29 -17.40 6.85
N MET G 127 12.17 -18.02 7.23
CA MET G 127 10.86 -17.48 6.91
C MET G 127 10.67 -16.07 7.45
N ALA G 128 11.27 -15.79 8.60
CA ALA G 128 11.18 -14.47 9.21
C ALA G 128 12.00 -13.47 8.39
N LYS G 129 13.19 -13.91 7.97
CA LYS G 129 14.06 -13.06 7.18
C LYS G 129 13.32 -12.64 5.91
N ILE G 130 12.64 -13.61 5.31
CA ILE G 130 11.88 -13.38 4.08
C ILE G 130 10.73 -12.39 4.30
N GLY G 131 10.07 -12.50 5.44
CA GLY G 131 8.98 -11.59 5.74
C GLY G 131 9.45 -10.16 5.77
N PHE G 132 10.61 -9.91 6.37
CA PHE G 132 11.15 -8.55 6.43
C PHE G 132 11.61 -8.09 5.06
N GLU G 133 12.16 -9.01 4.27
CA GLU G 133 12.60 -8.67 2.92
C GLU G 133 11.41 -8.22 2.10
N MET G 134 10.29 -8.94 2.24
CA MET G 134 9.08 -8.61 1.51
C MET G 134 8.54 -7.24 1.90
N ARG G 135 8.87 -6.79 3.10
CA ARG G 135 8.41 -5.48 3.55
C ARG G 135 9.49 -4.43 3.33
N GLY G 136 10.70 -4.88 2.98
CA GLY G 136 11.80 -3.96 2.76
C GLY G 136 12.22 -3.35 4.09
N TRP G 137 12.03 -4.11 5.17
CA TRP G 137 12.38 -3.63 6.50
C TRP G 137 13.74 -4.12 6.96
N GLU G 138 14.50 -3.22 7.59
CA GLU G 138 15.82 -3.57 8.12
C GLU G 138 15.61 -4.46 9.33
N LEU G 139 16.25 -5.63 9.32
CA LEU G 139 16.14 -6.58 10.41
C LEU G 139 17.18 -6.28 11.49
N ASP G 140 16.74 -6.27 12.74
CA ASP G 140 17.65 -6.03 13.85
C ASP G 140 18.21 -7.38 14.24
N ARG G 141 17.32 -8.31 14.62
CA ARG G 141 17.70 -9.66 14.98
C ARG G 141 16.47 -10.56 15.03
N ILE G 142 16.70 -11.87 15.06
CA ILE G 142 15.62 -12.83 15.11
C ILE G 142 15.78 -13.77 16.30
N GLU G 143 14.77 -13.82 17.14
CA GLU G 143 14.77 -14.71 18.30
C GLU G 143 13.96 -15.92 17.86
N SER G 144 14.40 -17.12 18.22
CA SER G 144 13.68 -18.31 17.82
C SER G 144 13.85 -19.43 18.83
N ILE G 145 12.90 -20.36 18.81
CA ILE G 145 12.92 -21.51 19.71
C ILE G 145 12.35 -22.69 18.93
N ALA G 146 12.72 -23.90 19.32
CA ALA G 146 12.21 -25.08 18.64
C ALA G 146 12.24 -26.28 19.57
N VAL G 147 11.46 -27.28 19.21
CA VAL G 147 11.39 -28.51 19.99
C VAL G 147 11.18 -29.65 19.01
N GLU G 148 11.62 -30.84 19.35
CA GLU G 148 11.42 -31.98 18.48
C GLU G 148 10.86 -33.12 19.31
N HIS G 149 10.10 -33.99 18.68
CA HIS G 149 9.50 -35.12 19.38
C HIS G 149 9.56 -36.38 18.53
N THR G 150 9.91 -37.50 19.17
CA THR G 150 9.97 -38.76 18.46
C THR G 150 8.76 -39.56 18.93
N VAL G 151 7.76 -39.64 18.07
CA VAL G 151 6.52 -40.33 18.37
C VAL G 151 6.71 -41.76 18.86
N GLU G 152 6.08 -42.07 19.99
CA GLU G 152 6.14 -43.41 20.54
C GLU G 152 4.92 -44.10 19.94
N LYS G 153 3.76 -43.55 20.23
CA LYS G 153 2.50 -44.07 19.72
C LYS G 153 1.75 -42.92 19.07
N LEU G 154 1.66 -41.81 19.81
CA LEU G 154 0.98 -40.60 19.34
C LEU G 154 1.55 -39.39 20.09
N GLY G 155 2.18 -38.49 19.34
CA GLY G 155 2.76 -37.31 19.95
C GLY G 155 2.49 -36.03 19.18
N CYS G 156 2.84 -34.90 19.79
CA CYS G 156 2.64 -33.58 19.19
C CYS G 156 3.77 -32.61 19.58
N ALA G 157 4.35 -31.95 18.59
CA ALA G 157 5.41 -30.97 18.83
C ALA G 157 4.71 -29.61 18.73
N PHE G 158 4.96 -28.73 19.68
CA PHE G 158 4.30 -27.42 19.73
C PHE G 158 5.24 -26.25 20.04
N ALA G 159 5.13 -25.18 19.26
CA ALA G 159 5.95 -23.99 19.44
C ALA G 159 5.05 -22.76 19.27
N ALA G 160 5.19 -21.78 20.17
CA ALA G 160 4.34 -20.59 20.10
C ALA G 160 4.99 -19.31 20.61
N ALA G 161 4.34 -18.19 20.32
CA ALA G 161 4.76 -16.86 20.73
C ALA G 161 3.52 -16.25 21.39
N ALA G 162 3.57 -16.08 22.70
CA ALA G 162 2.46 -15.55 23.44
C ALA G 162 2.61 -14.06 23.69
N LEU G 163 1.60 -13.30 23.30
CA LEU G 163 1.61 -11.86 23.47
C LEU G 163 0.89 -11.55 24.77
N TRP G 164 1.47 -10.69 25.60
CA TRP G 164 0.81 -10.34 26.86
C TRP G 164 1.09 -8.89 27.23
N TYR G 165 0.89 -8.56 28.50
CA TYR G 165 1.06 -7.21 28.98
C TYR G 165 2.07 -7.03 30.11
N LYS G 166 2.83 -5.94 30.01
CA LYS G 166 3.85 -5.58 30.97
C LYS G 166 3.29 -4.45 31.85
N LYS H 14 -13.00 -8.55 32.68
CA LYS H 14 -11.82 -9.43 32.85
C LYS H 14 -12.05 -10.78 32.15
N LEU H 15 -11.96 -11.86 32.91
CA LEU H 15 -12.16 -13.18 32.33
C LEU H 15 -13.61 -13.64 32.39
N PRO H 16 -14.01 -14.47 31.43
CA PRO H 16 -15.39 -15.00 31.38
C PRO H 16 -15.71 -15.72 32.68
N ASN H 17 -16.97 -15.67 33.09
CA ASN H 17 -17.35 -16.34 34.33
C ASN H 17 -18.50 -17.31 34.10
N THR H 18 -18.92 -17.47 32.86
CA THR H 18 -19.95 -18.44 32.56
C THR H 18 -19.50 -19.26 31.35
N VAL H 19 -20.08 -20.44 31.22
CA VAL H 19 -19.80 -21.31 30.11
C VAL H 19 -21.13 -21.99 29.85
N SER H 20 -21.47 -22.13 28.57
CA SER H 20 -22.71 -22.77 28.18
C SER H 20 -22.39 -23.83 27.12
N LEU H 21 -22.91 -25.03 27.29
CA LEU H 21 -22.68 -26.10 26.33
C LEU H 21 -23.84 -26.12 25.34
N VAL H 22 -23.50 -26.02 24.06
CA VAL H 22 -24.53 -26.04 23.01
C VAL H 22 -24.07 -26.94 21.88
N ALA H 23 -25.02 -27.36 21.06
CA ALA H 23 -24.72 -28.21 19.92
C ALA H 23 -25.86 -28.15 18.92
N GLY H 24 -25.53 -28.32 17.65
CA GLY H 24 -26.54 -28.29 16.62
C GLY H 24 -26.04 -29.03 15.39
N SER H 25 -26.90 -29.20 14.39
CA SER H 25 -26.50 -29.86 13.16
C SER H 25 -27.36 -29.30 12.05
N SER H 26 -26.89 -29.41 10.81
CA SER H 26 -27.66 -28.88 9.69
C SER H 26 -27.11 -29.32 8.35
N GLU H 27 -27.97 -29.27 7.34
CA GLU H 27 -27.57 -29.59 5.97
C GLU H 27 -27.28 -28.21 5.36
N GLY H 28 -26.61 -28.20 4.21
CA GLY H 28 -26.30 -26.93 3.59
C GLY H 28 -25.85 -27.12 2.15
N GLU H 29 -26.13 -26.13 1.29
CA GLU H 29 -25.75 -26.20 -0.10
C GLU H 29 -24.24 -26.16 -0.26
N THR H 30 -23.56 -25.65 0.76
CA THR H 30 -22.10 -25.58 0.78
C THR H 30 -21.63 -25.87 2.19
N PRO H 31 -20.35 -26.22 2.35
CA PRO H 31 -19.79 -26.50 3.68
C PRO H 31 -19.94 -25.35 4.67
N LEU H 32 -19.73 -24.12 4.22
CA LEU H 32 -19.86 -22.97 5.12
C LEU H 32 -21.31 -22.77 5.51
N ASN H 33 -22.24 -22.92 4.56
CA ASN H 33 -23.66 -22.79 4.84
C ASN H 33 -24.14 -23.88 5.79
N ALA H 34 -23.54 -25.07 5.69
CA ALA H 34 -23.89 -26.18 6.56
C ALA H 34 -23.39 -25.83 7.96
N PHE H 35 -22.17 -25.30 8.00
CA PHE H 35 -21.57 -24.90 9.27
C PHE H 35 -22.45 -23.81 9.92
N ASP H 36 -22.75 -22.77 9.15
CA ASP H 36 -23.58 -21.67 9.62
C ASP H 36 -24.92 -22.21 10.16
N GLY H 37 -25.53 -23.12 9.41
CA GLY H 37 -26.81 -23.68 9.82
C GLY H 37 -26.75 -24.45 11.14
N ALA H 38 -25.66 -25.18 11.34
CA ALA H 38 -25.48 -25.95 12.57
C ALA H 38 -25.31 -24.95 13.73
N LEU H 39 -24.59 -23.87 13.48
CA LEU H 39 -24.40 -22.83 14.49
C LEU H 39 -25.76 -22.29 14.89
N LEU H 40 -26.59 -21.93 13.89
CA LEU H 40 -27.92 -21.41 14.16
C LEU H 40 -28.75 -22.43 14.96
N ASN H 41 -28.73 -23.68 14.51
CA ASN H 41 -29.45 -24.75 15.17
C ASN H 41 -28.95 -24.97 16.59
N ALA H 42 -27.77 -24.45 16.92
CA ALA H 42 -27.21 -24.60 18.25
C ALA H 42 -27.56 -23.41 19.13
N GLY H 43 -27.95 -22.31 18.48
CA GLY H 43 -28.30 -21.10 19.22
C GLY H 43 -27.25 -20.00 19.18
N ILE H 44 -26.11 -20.24 18.54
CA ILE H 44 -25.05 -19.22 18.45
C ILE H 44 -24.69 -18.82 17.02
N GLY H 45 -25.69 -18.82 16.14
CA GLY H 45 -25.43 -18.47 14.77
C GLY H 45 -25.42 -16.98 14.48
N ASN H 46 -25.81 -16.16 15.45
CA ASN H 46 -25.84 -14.72 15.25
C ASN H 46 -24.82 -13.92 16.08
N VAL H 47 -23.73 -14.60 16.43
CA VAL H 47 -22.64 -14.00 17.17
C VAL H 47 -21.39 -14.41 16.41
N ALA H 48 -20.31 -13.66 16.59
CA ALA H 48 -19.05 -13.95 15.94
C ALA H 48 -18.24 -14.83 16.91
N LEU H 49 -17.87 -16.02 16.47
CA LEU H 49 -17.11 -16.90 17.33
C LEU H 49 -15.61 -16.65 17.29
N ILE H 50 -15.01 -16.53 18.47
CA ILE H 50 -13.57 -16.37 18.59
C ILE H 50 -13.10 -17.72 19.07
N ARG H 51 -12.65 -18.57 18.17
CA ARG H 51 -12.23 -19.90 18.57
C ARG H 51 -11.04 -19.88 19.51
N ILE H 52 -11.17 -20.61 20.61
CA ILE H 52 -10.10 -20.72 21.59
C ILE H 52 -9.71 -22.18 21.74
N SER H 53 -8.50 -22.42 22.25
CA SER H 53 -8.03 -23.80 22.46
C SER H 53 -9.07 -24.56 23.27
N SER H 54 -8.96 -24.57 24.61
CA SER H 54 -9.95 -25.28 25.43
C SER H 54 -9.75 -25.19 26.94
N ILE H 55 -9.76 -23.98 27.48
CA ILE H 55 -9.61 -23.80 28.91
C ILE H 55 -10.70 -22.87 29.46
N MET H 56 -11.24 -23.26 30.61
CA MET H 56 -12.30 -22.54 31.28
C MET H 56 -11.76 -21.86 32.54
N PRO H 57 -12.02 -20.55 32.71
CA PRO H 57 -11.53 -19.84 33.89
C PRO H 57 -12.00 -20.49 35.18
N PRO H 58 -11.21 -20.37 36.28
CA PRO H 58 -11.64 -20.98 37.54
C PRO H 58 -12.97 -20.40 38.01
N GLU H 59 -13.79 -21.25 38.63
CA GLU H 59 -15.09 -20.83 39.14
C GLU H 59 -16.11 -20.41 38.08
N ALA H 60 -15.75 -20.54 36.80
CA ALA H 60 -16.69 -20.19 35.75
C ALA H 60 -17.91 -21.09 35.98
N GLU H 61 -19.10 -20.56 35.76
CA GLU H 61 -20.30 -21.35 36.00
C GLU H 61 -20.93 -21.87 34.72
N ILE H 62 -21.44 -23.08 34.76
CA ILE H 62 -22.10 -23.65 33.59
C ILE H 62 -23.53 -23.17 33.67
N VAL H 63 -23.96 -22.42 32.67
CA VAL H 63 -25.30 -21.89 32.68
C VAL H 63 -25.98 -22.06 31.34
N PRO H 64 -27.32 -21.95 31.31
CA PRO H 64 -28.02 -22.09 30.02
C PRO H 64 -27.46 -20.97 29.15
N LEU H 65 -27.48 -21.14 27.84
CA LEU H 65 -26.96 -20.10 26.95
C LEU H 65 -27.69 -18.79 27.26
N PRO H 66 -26.95 -17.69 27.46
CA PRO H 66 -27.62 -16.41 27.75
C PRO H 66 -28.04 -15.69 26.48
N LYS H 67 -28.75 -14.59 26.64
CA LYS H 67 -29.17 -13.79 25.50
C LYS H 67 -27.95 -12.99 25.06
N LEU H 68 -27.28 -13.47 24.02
CA LEU H 68 -26.09 -12.82 23.51
C LEU H 68 -26.39 -11.65 22.59
N PRO H 69 -25.72 -10.50 22.82
CA PRO H 69 -25.98 -9.34 21.96
C PRO H 69 -25.78 -9.81 20.51
N MET H 70 -26.57 -9.30 19.59
CA MET H 70 -26.42 -9.70 18.20
C MET H 70 -25.04 -9.22 17.72
N GLY H 71 -24.28 -10.12 17.10
CA GLY H 71 -22.97 -9.75 16.59
C GLY H 71 -21.83 -9.76 17.60
N ALA H 72 -22.10 -10.23 18.82
CA ALA H 72 -21.08 -10.28 19.86
C ALA H 72 -19.90 -11.17 19.45
N LEU H 73 -18.71 -10.86 19.97
CA LEU H 73 -17.50 -11.65 19.70
C LEU H 73 -17.40 -12.59 20.89
N VAL H 74 -17.75 -13.85 20.68
CA VAL H 74 -17.76 -14.83 21.75
C VAL H 74 -16.65 -15.87 21.77
N PRO H 75 -15.84 -15.89 22.84
CA PRO H 75 -14.73 -16.84 22.99
C PRO H 75 -15.40 -18.21 23.08
N THR H 76 -15.14 -19.06 22.10
CA THR H 76 -15.80 -20.36 22.05
C THR H 76 -14.84 -21.50 21.73
N ALA H 77 -14.89 -22.56 22.53
CA ALA H 77 -14.07 -23.73 22.27
C ALA H 77 -15.08 -24.60 21.53
N TYR H 78 -14.72 -25.10 20.35
CA TYR H 78 -15.65 -25.94 19.62
C TYR H 78 -15.05 -26.96 18.67
N GLY H 79 -15.90 -27.89 18.24
CA GLY H 79 -15.49 -28.92 17.31
C GLY H 79 -16.64 -29.17 16.35
N TYR H 80 -16.32 -29.39 15.08
CA TYR H 80 -17.35 -29.65 14.10
C TYR H 80 -16.85 -30.65 13.08
N ILE H 81 -17.78 -31.23 12.33
CA ILE H 81 -17.43 -32.18 11.29
C ILE H 81 -18.44 -31.97 10.18
N ILE H 82 -17.93 -32.00 8.96
CA ILE H 82 -18.76 -31.81 7.77
C ILE H 82 -18.59 -33.01 6.82
N SER H 83 -19.70 -33.53 6.34
CA SER H 83 -19.65 -34.67 5.42
C SER H 83 -20.70 -34.58 4.33
N ASP H 84 -20.33 -35.03 3.13
CA ASP H 84 -21.23 -35.01 1.99
C ASP H 84 -21.54 -36.44 1.55
N VAL H 85 -21.19 -37.39 2.41
CA VAL H 85 -21.45 -38.81 2.14
C VAL H 85 -22.86 -39.11 2.63
N PRO H 86 -23.82 -39.27 1.69
CA PRO H 86 -25.20 -39.56 2.08
C PRO H 86 -25.35 -40.76 3.01
N GLY H 87 -26.26 -40.64 3.98
CA GLY H 87 -26.50 -41.70 4.92
C GLY H 87 -25.50 -41.80 6.06
N GLU H 88 -24.37 -41.11 5.91
CA GLU H 88 -23.33 -41.14 6.93
C GLU H 88 -23.73 -40.38 8.19
N THR H 89 -23.52 -41.01 9.35
CA THR H 89 -23.85 -40.38 10.60
C THR H 89 -22.58 -39.73 11.17
N ILE H 90 -22.67 -38.44 11.44
CA ILE H 90 -21.54 -37.70 11.99
C ILE H 90 -21.96 -37.10 13.33
N SER H 91 -21.00 -36.96 14.23
CA SER H 91 -21.29 -36.44 15.56
C SER H 91 -20.25 -35.45 16.07
N ALA H 92 -20.67 -34.58 16.97
CA ALA H 92 -19.80 -33.60 17.58
C ALA H 92 -20.17 -33.61 19.06
N ALA H 93 -19.17 -33.50 19.93
CA ALA H 93 -19.41 -33.52 21.36
C ALA H 93 -18.46 -32.58 22.06
N ILE H 94 -18.93 -32.04 23.19
CA ILE H 94 -18.12 -31.13 23.99
C ILE H 94 -18.25 -31.56 25.44
N SER H 95 -17.19 -31.37 26.22
CA SER H 95 -17.21 -31.72 27.65
C SER H 95 -16.50 -30.63 28.46
N VAL H 96 -16.93 -30.48 29.71
CA VAL H 96 -16.35 -29.50 30.62
C VAL H 96 -16.03 -30.22 31.93
N ALA H 97 -14.73 -30.45 32.18
CA ALA H 97 -14.30 -31.13 33.40
C ALA H 97 -14.07 -30.10 34.51
N ILE H 98 -14.83 -30.20 35.58
CA ILE H 98 -14.74 -29.28 36.72
C ILE H 98 -13.87 -29.83 37.84
N PRO H 99 -12.85 -29.07 38.26
CA PRO H 99 -11.94 -29.50 39.33
C PRO H 99 -12.58 -29.45 40.71
N LYS H 100 -12.10 -30.25 41.65
CA LYS H 100 -12.66 -30.24 43.00
C LYS H 100 -12.13 -29.00 43.70
N ASP H 101 -11.01 -28.49 43.21
CA ASP H 101 -10.38 -27.29 43.76
C ASP H 101 -10.82 -26.10 42.91
N LYS H 102 -11.65 -25.24 43.50
CA LYS H 102 -12.17 -24.07 42.80
C LYS H 102 -11.10 -23.05 42.39
N SER H 103 -9.85 -23.37 42.67
CA SER H 103 -8.73 -22.48 42.33
C SER H 103 -8.16 -22.80 40.95
N LEU H 104 -8.42 -24.03 40.49
CA LEU H 104 -7.92 -24.46 39.20
C LEU H 104 -8.94 -24.17 38.10
N CYS H 105 -8.42 -23.99 36.89
CA CYS H 105 -9.28 -23.72 35.74
C CYS H 105 -10.06 -24.98 35.39
N GLY H 106 -11.05 -24.82 34.52
CA GLY H 106 -11.84 -25.95 34.08
C GLY H 106 -11.28 -26.39 32.76
N LEU H 107 -11.50 -27.64 32.38
CA LEU H 107 -10.98 -28.12 31.11
C LEU H 107 -12.10 -28.39 30.13
N ILE H 108 -11.89 -27.96 28.89
CA ILE H 108 -12.88 -28.16 27.83
C ILE H 108 -12.27 -29.06 26.77
N MET H 109 -12.98 -30.11 26.41
CA MET H 109 -12.50 -31.01 25.37
C MET H 109 -13.58 -31.08 24.31
N GLU H 110 -13.16 -31.17 23.06
CA GLU H 110 -14.10 -31.26 21.96
C GLU H 110 -13.72 -32.47 21.12
N TYR H 111 -14.72 -33.10 20.52
CA TYR H 111 -14.50 -34.26 19.69
C TYR H 111 -15.57 -34.32 18.61
N GLU H 112 -15.18 -34.81 17.45
CA GLU H 112 -16.13 -34.96 16.35
C GLU H 112 -15.68 -36.15 15.53
N GLY H 113 -16.58 -36.74 14.75
CA GLY H 113 -16.21 -37.87 13.93
C GLY H 113 -17.38 -38.57 13.29
N LYS H 114 -17.09 -39.55 12.44
CA LYS H 114 -18.13 -40.31 11.78
C LYS H 114 -18.55 -41.40 12.76
N CYS H 115 -19.48 -41.05 13.65
CA CYS H 115 -19.94 -41.99 14.65
C CYS H 115 -21.19 -41.46 15.35
N SER H 116 -21.78 -42.27 16.22
CA SER H 116 -22.99 -41.89 16.93
C SER H 116 -22.68 -40.84 18.00
N LYS H 117 -23.73 -40.19 18.49
CA LYS H 117 -23.55 -39.19 19.54
C LYS H 117 -23.16 -39.88 20.83
N LYS H 118 -23.60 -41.13 21.01
CA LYS H 118 -23.26 -41.83 22.24
C LYS H 118 -21.76 -42.08 22.30
N GLU H 119 -21.17 -42.56 21.20
CA GLU H 119 -19.74 -42.83 21.16
C GLU H 119 -18.95 -41.53 21.24
N ALA H 120 -19.45 -40.49 20.58
CA ALA H 120 -18.78 -39.20 20.60
C ALA H 120 -18.78 -38.64 22.02
N GLU H 121 -19.91 -38.73 22.71
CA GLU H 121 -19.96 -38.20 24.06
C GLU H 121 -19.05 -39.02 24.98
N LYS H 122 -19.06 -40.33 24.78
CA LYS H 122 -18.24 -41.23 25.57
C LYS H 122 -16.77 -40.83 25.42
N THR H 123 -16.35 -40.62 24.17
CA THR H 123 -14.97 -40.26 23.89
C THR H 123 -14.56 -38.92 24.50
N VAL H 124 -15.37 -37.89 24.31
CA VAL H 124 -15.04 -36.57 24.82
C VAL H 124 -14.98 -36.52 26.34
N ARG H 125 -15.79 -37.33 27.01
CA ARG H 125 -15.78 -37.37 28.47
C ARG H 125 -14.47 -38.02 28.93
N GLU H 126 -14.03 -39.03 28.18
CA GLU H 126 -12.79 -39.71 28.50
C GLU H 126 -11.60 -38.77 28.28
N MET H 127 -11.70 -37.96 27.24
CA MET H 127 -10.63 -36.99 26.95
C MET H 127 -10.48 -35.98 28.07
N ALA H 128 -11.59 -35.57 28.67
CA ALA H 128 -11.54 -34.61 29.77
C ALA H 128 -10.91 -35.28 30.99
N LYS H 129 -11.28 -36.53 31.20
CA LYS H 129 -10.75 -37.30 32.33
C LYS H 129 -9.24 -37.39 32.21
N ILE H 130 -8.77 -37.67 30.99
CA ILE H 130 -7.34 -37.79 30.72
C ILE H 130 -6.62 -36.47 30.97
N GLY H 131 -7.27 -35.37 30.61
CA GLY H 131 -6.67 -34.06 30.80
C GLY H 131 -6.45 -33.75 32.27
N PHE H 132 -7.34 -34.25 33.12
CA PHE H 132 -7.22 -34.04 34.56
C PHE H 132 -6.18 -34.96 35.19
N GLU H 133 -5.94 -36.10 34.54
CA GLU H 133 -4.95 -37.06 35.03
C GLU H 133 -3.56 -36.55 34.66
N MET H 134 -3.42 -36.03 33.44
CA MET H 134 -2.15 -35.49 32.98
C MET H 134 -1.75 -34.28 33.82
N ARG H 135 -2.72 -33.69 34.52
CA ARG H 135 -2.46 -32.52 35.36
C ARG H 135 -2.33 -32.89 36.84
N GLY H 136 -2.66 -34.14 37.16
CA GLY H 136 -2.60 -34.57 38.54
C GLY H 136 -3.70 -33.91 39.34
N TRP H 137 -4.67 -33.33 38.63
CA TRP H 137 -5.79 -32.66 39.27
C TRP H 137 -6.91 -33.62 39.60
N GLU H 138 -7.57 -33.38 40.74
CA GLU H 138 -8.68 -34.22 41.17
C GLU H 138 -9.99 -33.71 40.57
N LEU H 139 -10.57 -34.53 39.70
CA LEU H 139 -11.81 -34.21 39.03
C LEU H 139 -13.03 -34.25 39.93
N ASP H 140 -13.84 -33.20 39.87
CA ASP H 140 -15.06 -33.12 40.67
C ASP H 140 -16.22 -33.71 39.87
N ARG H 141 -16.36 -33.28 38.62
CA ARG H 141 -17.41 -33.78 37.76
C ARG H 141 -17.23 -33.31 36.33
N ILE H 142 -17.81 -34.06 35.40
CA ILE H 142 -17.74 -33.75 33.99
C ILE H 142 -19.13 -33.57 33.42
N GLU H 143 -19.34 -32.46 32.73
CA GLU H 143 -20.63 -32.19 32.10
C GLU H 143 -20.35 -32.22 30.60
N SER H 144 -21.28 -32.77 29.83
CA SER H 144 -21.07 -32.85 28.39
C SER H 144 -22.36 -32.90 27.60
N ILE H 145 -22.25 -32.57 26.32
CA ILE H 145 -23.38 -32.61 25.41
C ILE H 145 -22.83 -33.11 24.08
N ALA H 146 -23.70 -33.68 23.26
CA ALA H 146 -23.28 -34.19 21.97
C ALA H 146 -24.47 -34.19 21.04
N VAL H 147 -24.19 -34.12 19.74
CA VAL H 147 -25.24 -34.16 18.74
C VAL H 147 -24.78 -35.05 17.61
N GLU H 148 -25.72 -35.59 16.84
CA GLU H 148 -25.35 -36.41 15.70
C GLU H 148 -26.19 -35.98 14.50
N HIS H 149 -25.67 -36.25 13.32
CA HIS H 149 -26.38 -35.88 12.10
C HIS H 149 -26.18 -36.94 11.04
N THR H 150 -27.25 -37.31 10.36
CA THR H 150 -27.19 -38.30 9.30
C THR H 150 -27.29 -37.50 8.00
N VAL H 151 -26.20 -37.43 7.27
CA VAL H 151 -26.12 -36.67 6.04
C VAL H 151 -27.12 -37.09 4.96
N GLU H 152 -27.80 -36.10 4.39
CA GLU H 152 -28.74 -36.33 3.30
C GLU H 152 -27.96 -36.02 2.03
N LYS H 153 -27.33 -34.85 2.03
CA LYS H 153 -26.52 -34.42 0.89
C LYS H 153 -25.19 -33.87 1.38
N LEU H 154 -25.27 -32.93 2.33
CA LEU H 154 -24.09 -32.31 2.91
C LEU H 154 -24.52 -31.72 4.26
N GLY H 155 -23.95 -32.28 5.32
CA GLY H 155 -24.32 -31.81 6.63
C GLY H 155 -23.14 -31.57 7.55
N CYS H 156 -23.44 -30.90 8.66
CA CYS H 156 -22.43 -30.56 9.64
C CYS H 156 -22.96 -30.82 11.06
N ALA H 157 -22.13 -31.42 11.90
CA ALA H 157 -22.49 -31.65 13.30
C ALA H 157 -21.52 -30.73 14.04
N PHE H 158 -22.04 -29.98 15.01
CA PHE H 158 -21.23 -28.99 15.74
C PHE H 158 -21.58 -28.97 17.22
N ALA H 159 -20.55 -28.81 18.07
CA ALA H 159 -20.75 -28.74 19.51
C ALA H 159 -19.81 -27.68 20.06
N ALA H 160 -20.25 -26.93 21.06
CA ALA H 160 -19.41 -25.87 21.59
C ALA H 160 -19.63 -25.53 23.06
N ALA H 161 -18.63 -24.84 23.60
CA ALA H 161 -18.62 -24.36 24.96
C ALA H 161 -18.39 -22.87 24.73
N ALA H 162 -19.43 -22.07 24.87
CA ALA H 162 -19.31 -20.63 24.68
C ALA H 162 -19.09 -19.93 26.01
N LEU H 163 -18.01 -19.15 26.10
CA LEU H 163 -17.68 -18.42 27.31
C LEU H 163 -18.31 -17.03 27.29
N TRP H 164 -18.90 -16.61 28.40
CA TRP H 164 -19.50 -15.28 28.42
C TRP H 164 -19.45 -14.69 29.82
N TYR H 165 -20.30 -13.69 30.06
CA TYR H 165 -20.31 -13.00 31.35
C TYR H 165 -21.70 -12.89 31.96
N LYS H 166 -21.76 -12.98 33.28
CA LYS H 166 -23.01 -12.86 34.00
C LYS H 166 -23.45 -11.40 34.10
#